data_4KRT
#
_entry.id   4KRT
#
_cell.length_a   55.600
_cell.length_b   112.900
_cell.length_c   64.950
_cell.angle_alpha   90.00
_cell.angle_beta   91.35
_cell.angle_gamma   90.00
#
_symmetry.space_group_name_H-M   'P 1 21 1'
#
loop_
_entity.id
_entity.type
_entity.pdbx_description
1 polymer 'Autolytic lysozyme'
2 non-polymer '4-(2-HYDROXYETHYL)-1-PIPERAZINE ETHANESULFONIC ACID'
3 non-polymer 'ACETATE ION'
4 non-polymer 'MALONIC ACID'
5 water water
#
_entity_poly.entity_id   1
_entity_poly.type   'polypeptide(L)'
_entity_poly.pdbx_seq_one_letter_code
;MNHKVHHHHHHMQSRNNNNLKGIDVSNWKGNINFESVKNDGVEVVYIKATEGNYFKDKYAKQNYEGAKEQGLSVGFYHFF
RANKGAKDQANFFIDYLNEIGAVNYDCKLALDIETTEGVGVRDLTSMCIEFLEEVKRLTGKEVVVYTYTSFANNNLDSRL
GNYPVWIAHYGVNTPGANNIWSSWVGFQYSENGSVAGVNGGCDMNEFTEEIFIDSSNFNLDNATTKNVSTKLNIRAKGTT
NSKIIGSIPAGETFKIKWVDEDYLGWYYVEYNGVVGYVNADYVEKLQMATTYNVSTFLNVREEGSLNSRIVDKINSGDIF
RIDWVDSDFIGWYRITTKNGKVGFVNAEFVKKL
;
_entity_poly.pdbx_strand_id   A,B
#
# COMPACT_ATOMS: atom_id res chain seq x y z
N HIS A 7 2.02 33.19 16.30
CA HIS A 7 2.91 32.29 15.49
C HIS A 7 2.09 31.26 14.72
N HIS A 8 2.77 30.42 13.95
CA HIS A 8 2.10 29.41 13.13
C HIS A 8 1.22 28.44 13.92
N HIS A 9 0.03 28.20 13.37
CA HIS A 9 -0.95 27.28 13.96
C HIS A 9 -1.69 26.58 12.83
N HIS A 10 -1.20 25.41 12.44
CA HIS A 10 -1.85 24.64 11.37
C HIS A 10 -3.09 23.94 11.92
N HIS A 11 -4.21 24.09 11.23
CA HIS A 11 -5.46 23.48 11.66
C HIS A 11 -6.23 22.87 10.49
N MET A 12 -7.34 22.23 10.82
CA MET A 12 -8.20 21.64 9.82
C MET A 12 -9.15 22.73 9.38
N GLN A 13 -9.95 22.48 8.35
CA GLN A 13 -10.88 23.49 7.89
C GLN A 13 -12.01 23.73 8.90
N SER A 14 -12.60 24.92 8.86
CA SER A 14 -13.70 25.26 9.77
C SER A 14 -15.04 24.89 9.14
N ARG A 15 -16.11 25.02 9.91
CA ARG A 15 -17.44 24.71 9.41
C ARG A 15 -17.71 25.56 8.17
N ASN A 16 -18.73 25.18 7.40
CA ASN A 16 -19.05 25.92 6.20
C ASN A 16 -20.45 25.58 5.68
N ASN A 17 -21.34 26.58 5.65
CA ASN A 17 -22.71 26.37 5.19
C ASN A 17 -22.76 25.70 3.81
N ASN A 18 -21.62 25.69 3.13
CA ASN A 18 -21.53 25.07 1.82
C ASN A 18 -21.38 23.55 1.93
N ASN A 19 -21.18 23.06 3.15
CA ASN A 19 -21.03 21.62 3.35
C ASN A 19 -22.38 20.94 3.46
N LEU A 20 -22.39 19.62 3.28
CA LEU A 20 -23.62 18.85 3.39
C LEU A 20 -24.05 18.79 4.87
N LYS A 21 -25.34 18.96 5.12
CA LYS A 21 -25.81 18.88 6.49
C LYS A 21 -26.08 17.40 6.78
N GLY A 22 -25.49 16.88 7.85
CA GLY A 22 -25.69 15.48 8.18
C GLY A 22 -25.99 15.24 9.64
N ILE A 23 -26.36 14.01 9.95
CA ILE A 23 -26.65 13.62 11.33
C ILE A 23 -26.30 12.14 11.41
N ASP A 24 -26.25 11.61 12.63
CA ASP A 24 -25.98 10.20 12.82
C ASP A 24 -26.86 9.74 13.97
N VAL A 25 -27.49 8.59 13.78
CA VAL A 25 -28.42 8.03 14.75
C VAL A 25 -28.12 6.57 15.10
N SER A 26 -28.72 6.14 16.21
CA SER A 26 -28.58 4.76 16.68
C SER A 26 -29.89 4.39 17.36
N ASN A 27 -30.01 3.13 17.75
CA ASN A 27 -31.20 2.61 18.42
C ASN A 27 -31.65 3.49 19.58
N TRP A 28 -30.72 4.23 20.18
CA TRP A 28 -31.09 5.09 21.29
C TRP A 28 -32.19 6.08 20.95
N LYS A 29 -32.27 6.47 19.68
CA LYS A 29 -33.28 7.44 19.24
C LYS A 29 -34.64 6.83 18.99
N GLY A 30 -34.74 5.51 19.05
CA GLY A 30 -36.02 4.86 18.81
C GLY A 30 -36.56 5.25 17.44
N ASN A 31 -37.87 5.43 17.36
CA ASN A 31 -38.52 5.80 16.10
C ASN A 31 -38.13 7.20 15.63
N ILE A 32 -37.84 7.34 14.34
CA ILE A 32 -37.47 8.63 13.79
C ILE A 32 -38.35 8.97 12.58
N ASN A 33 -38.82 10.21 12.49
CA ASN A 33 -39.63 10.59 11.33
C ASN A 33 -38.66 11.18 10.30
N PHE A 34 -38.29 10.37 9.33
CA PHE A 34 -37.34 10.81 8.30
C PHE A 34 -37.84 11.85 7.33
N GLU A 35 -39.14 11.85 7.03
CA GLU A 35 -39.65 12.87 6.13
C GLU A 35 -39.36 14.21 6.79
N SER A 36 -39.62 14.27 8.08
CA SER A 36 -39.37 15.49 8.85
C SER A 36 -37.89 15.84 8.83
N VAL A 37 -37.04 14.82 8.96
CA VAL A 37 -35.60 15.02 8.91
C VAL A 37 -35.26 15.55 7.52
N LYS A 38 -35.86 14.96 6.51
CA LYS A 38 -35.64 15.38 5.13
C LYS A 38 -36.00 16.85 4.93
N ASN A 39 -37.10 17.28 5.53
CA ASN A 39 -37.54 18.68 5.41
C ASN A 39 -36.88 19.62 6.40
N ASP A 40 -35.92 19.12 7.16
CA ASP A 40 -35.25 19.98 8.13
C ASP A 40 -33.88 20.37 7.59
N GLY A 41 -33.63 20.04 6.33
CA GLY A 41 -32.36 20.40 5.71
C GLY A 41 -31.30 19.31 5.72
N VAL A 42 -31.56 18.24 6.48
CA VAL A 42 -30.62 17.12 6.57
C VAL A 42 -30.48 16.43 5.24
N GLU A 43 -29.24 16.23 4.80
CA GLU A 43 -28.99 15.59 3.51
C GLU A 43 -28.41 14.19 3.63
N VAL A 44 -27.59 13.94 4.65
CA VAL A 44 -27.04 12.60 4.80
C VAL A 44 -27.27 12.06 6.21
N VAL A 45 -27.50 10.76 6.31
CA VAL A 45 -27.76 10.12 7.60
C VAL A 45 -26.88 8.90 7.80
N TYR A 46 -26.06 8.94 8.84
CA TYR A 46 -25.21 7.82 9.19
C TYR A 46 -25.99 7.06 10.26
N ILE A 47 -26.00 5.74 10.13
CA ILE A 47 -26.78 4.89 11.02
C ILE A 47 -25.87 3.88 11.70
N LYS A 48 -26.04 3.69 13.01
CA LYS A 48 -25.21 2.71 13.71
C LYS A 48 -25.70 1.34 13.28
N ALA A 49 -24.77 0.42 12.99
CA ALA A 49 -25.16 -0.91 12.57
C ALA A 49 -24.78 -1.96 13.59
N THR A 50 -23.53 -1.91 14.04
CA THR A 50 -23.01 -2.92 14.95
C THR A 50 -21.95 -2.40 15.91
N GLU A 51 -21.72 -3.18 16.97
CA GLU A 51 -20.70 -2.86 17.95
C GLU A 51 -19.98 -4.15 18.31
N GLY A 52 -18.66 -4.15 18.20
CA GLY A 52 -17.91 -5.37 18.50
C GLY A 52 -18.45 -6.48 17.61
N ASN A 53 -18.51 -7.70 18.14
CA ASN A 53 -19.05 -8.82 17.39
C ASN A 53 -20.22 -9.35 18.20
N TYR A 54 -20.71 -8.51 19.10
CA TYR A 54 -21.77 -8.89 20.02
C TYR A 54 -22.97 -7.95 20.15
N PHE A 55 -23.15 -7.03 19.21
CA PHE A 55 -24.29 -6.13 19.28
C PHE A 55 -24.76 -5.65 17.92
N LYS A 56 -26.05 -5.84 17.67
CA LYS A 56 -26.68 -5.41 16.42
C LYS A 56 -27.70 -4.35 16.76
N ASP A 57 -27.56 -3.16 16.17
CA ASP A 57 -28.51 -2.09 16.42
C ASP A 57 -29.80 -2.52 15.72
N LYS A 58 -30.83 -2.83 16.52
CA LYS A 58 -32.08 -3.31 15.96
C LYS A 58 -32.93 -2.31 15.18
N TYR A 59 -32.48 -1.07 15.10
CA TYR A 59 -33.21 -0.05 14.34
C TYR A 59 -32.54 0.29 13.02
N ALA A 60 -31.43 -0.37 12.72
CA ALA A 60 -30.67 -0.10 11.50
C ALA A 60 -31.46 -0.29 10.20
N LYS A 61 -32.24 -1.36 10.13
CA LYS A 61 -33.04 -1.65 8.95
C LYS A 61 -34.12 -0.59 8.80
N GLN A 62 -34.83 -0.33 9.89
CA GLN A 62 -35.87 0.67 9.88
C GLN A 62 -35.30 2.03 9.47
N ASN A 63 -34.18 2.41 10.06
CA ASN A 63 -33.59 3.71 9.73
C ASN A 63 -33.04 3.79 8.30
N TYR A 64 -32.48 2.68 7.82
CA TYR A 64 -31.94 2.66 6.47
C TYR A 64 -33.05 2.78 5.44
N GLU A 65 -34.15 2.09 5.67
CA GLU A 65 -35.28 2.13 4.73
C GLU A 65 -36.01 3.46 4.82
N GLY A 66 -36.13 3.97 6.05
CA GLY A 66 -36.80 5.24 6.24
C GLY A 66 -36.02 6.36 5.59
N ALA A 67 -34.71 6.37 5.79
CA ALA A 67 -33.86 7.41 5.22
C ALA A 67 -33.86 7.34 3.69
N LYS A 68 -33.78 6.13 3.14
CA LYS A 68 -33.77 5.95 1.69
C LYS A 68 -35.10 6.32 1.04
N GLU A 69 -36.20 6.12 1.76
CA GLU A 69 -37.53 6.42 1.24
C GLU A 69 -37.65 7.92 0.98
N GLN A 70 -36.93 8.69 1.79
CA GLN A 70 -36.95 10.14 1.70
C GLN A 70 -35.86 10.69 0.78
N GLY A 71 -35.23 9.81 0.02
CA GLY A 71 -34.18 10.25 -0.89
C GLY A 71 -32.92 10.76 -0.22
N LEU A 72 -32.72 10.46 1.05
CA LEU A 72 -31.54 10.92 1.76
C LEU A 72 -30.34 10.00 1.46
N SER A 73 -29.13 10.52 1.65
CA SER A 73 -27.93 9.72 1.43
C SER A 73 -27.67 8.99 2.74
N VAL A 74 -27.27 7.72 2.66
CA VAL A 74 -27.04 6.95 3.88
C VAL A 74 -25.66 6.33 4.04
N GLY A 75 -25.24 6.25 5.30
CA GLY A 75 -23.97 5.65 5.64
C GLY A 75 -24.17 4.84 6.90
N PHE A 76 -23.26 3.90 7.18
CA PHE A 76 -23.37 3.06 8.38
C PHE A 76 -22.08 3.14 9.16
N TYR A 77 -22.16 3.01 10.49
CA TYR A 77 -20.95 3.02 11.28
C TYR A 77 -20.94 1.84 12.23
N HIS A 78 -19.73 1.37 12.53
CA HIS A 78 -19.51 0.25 13.41
C HIS A 78 -18.73 0.75 14.63
N PHE A 79 -19.24 0.46 15.82
CA PHE A 79 -18.57 0.86 17.05
C PHE A 79 -17.56 -0.23 17.37
N PHE A 80 -16.28 0.12 17.23
CA PHE A 80 -15.20 -0.81 17.44
C PHE A 80 -14.92 -1.16 18.90
N ARG A 81 -14.73 -2.44 19.17
CA ARG A 81 -14.39 -2.92 20.50
C ARG A 81 -13.10 -3.71 20.27
N ALA A 82 -11.98 -3.06 20.59
CA ALA A 82 -10.65 -3.63 20.38
C ALA A 82 -10.36 -4.95 21.09
N ASN A 83 -11.18 -5.31 22.08
CA ASN A 83 -10.99 -6.55 22.81
C ASN A 83 -11.51 -7.74 21.98
N LYS A 84 -12.13 -7.46 20.83
CA LYS A 84 -12.63 -8.52 19.96
C LYS A 84 -11.85 -8.49 18.64
N GLY A 85 -11.88 -9.58 17.89
CA GLY A 85 -11.14 -9.63 16.63
C GLY A 85 -11.48 -8.49 15.69
N ALA A 86 -10.45 -7.93 15.06
CA ALA A 86 -10.63 -6.82 14.12
C ALA A 86 -11.28 -7.26 12.81
N LYS A 87 -10.80 -8.34 12.21
CA LYS A 87 -11.41 -8.81 10.96
C LYS A 87 -12.72 -9.51 11.27
N ASP A 88 -12.81 -10.04 12.49
CA ASP A 88 -13.99 -10.71 12.96
C ASP A 88 -15.12 -9.68 12.98
N GLN A 89 -14.82 -8.50 13.51
CA GLN A 89 -15.80 -7.42 13.59
C GLN A 89 -16.13 -6.84 12.22
N ALA A 90 -15.12 -6.74 11.37
CA ALA A 90 -15.35 -6.23 10.02
C ALA A 90 -16.42 -7.10 9.36
N ASN A 91 -16.25 -8.41 9.48
CA ASN A 91 -17.20 -9.35 8.91
C ASN A 91 -18.57 -9.29 9.58
N PHE A 92 -18.56 -9.09 10.90
CA PHE A 92 -19.80 -9.01 11.66
C PHE A 92 -20.60 -7.83 11.13
N PHE A 93 -19.91 -6.71 10.95
CA PHE A 93 -20.48 -5.46 10.45
C PHE A 93 -21.09 -5.65 9.05
N ILE A 94 -20.29 -6.11 8.10
CA ILE A 94 -20.79 -6.31 6.74
C ILE A 94 -21.90 -7.38 6.67
N ASP A 95 -21.78 -8.45 7.46
CA ASP A 95 -22.81 -9.48 7.40
C ASP A 95 -24.15 -8.92 7.83
N TYR A 96 -24.15 -7.99 8.79
CA TYR A 96 -25.39 -7.42 9.27
C TYR A 96 -26.00 -6.48 8.24
N LEU A 97 -25.17 -5.68 7.57
CA LEU A 97 -25.69 -4.78 6.54
C LEU A 97 -26.41 -5.62 5.49
N ASN A 98 -25.82 -6.74 5.12
CA ASN A 98 -26.45 -7.64 4.15
C ASN A 98 -27.71 -8.25 4.75
N GLU A 99 -27.62 -8.66 6.01
CA GLU A 99 -28.75 -9.28 6.70
C GLU A 99 -29.99 -8.39 6.69
N ILE A 100 -29.80 -7.08 6.77
CA ILE A 100 -30.95 -6.17 6.76
C ILE A 100 -31.27 -5.65 5.36
N GLY A 101 -30.58 -6.19 4.35
CA GLY A 101 -30.83 -5.78 2.98
C GLY A 101 -30.37 -4.39 2.63
N ALA A 102 -29.43 -3.85 3.38
CA ALA A 102 -28.88 -2.53 3.12
C ALA A 102 -27.75 -2.64 2.12
N VAL A 103 -28.10 -2.69 0.84
CA VAL A 103 -27.11 -2.83 -0.22
C VAL A 103 -26.91 -1.56 -1.03
N ASN A 104 -27.65 -0.50 -0.68
CA ASN A 104 -27.56 0.75 -1.41
C ASN A 104 -27.16 1.98 -0.61
N TYR A 105 -26.23 1.82 0.33
CA TYR A 105 -25.78 2.96 1.12
C TYR A 105 -24.92 3.83 0.20
N ASP A 106 -24.95 5.14 0.42
CA ASP A 106 -24.22 6.08 -0.44
C ASP A 106 -22.95 6.68 0.12
N CYS A 107 -22.75 6.57 1.42
CA CYS A 107 -21.57 7.14 2.06
C CYS A 107 -20.60 6.06 2.52
N LYS A 108 -19.33 6.45 2.64
CA LYS A 108 -18.28 5.51 3.03
C LYS A 108 -18.55 4.86 4.38
N LEU A 109 -18.24 3.56 4.46
CA LEU A 109 -18.45 2.81 5.69
C LEU A 109 -17.56 3.41 6.76
N ALA A 110 -18.16 3.70 7.92
CA ALA A 110 -17.43 4.35 9.02
C ALA A 110 -17.00 3.48 10.19
N LEU A 111 -15.74 3.64 10.58
CA LEU A 111 -15.16 2.93 11.73
C LEU A 111 -15.21 3.92 12.90
N ASP A 112 -16.04 3.62 13.88
CA ASP A 112 -16.19 4.45 15.05
C ASP A 112 -15.22 3.90 16.08
N ILE A 113 -14.06 4.55 16.19
CA ILE A 113 -13.03 4.13 17.15
C ILE A 113 -12.88 5.24 18.19
N GLU A 114 -13.33 4.96 19.41
CA GLU A 114 -13.27 5.92 20.49
C GLU A 114 -12.98 5.32 21.87
N THR A 115 -12.62 4.05 21.94
CA THR A 115 -12.28 3.43 23.22
C THR A 115 -11.03 2.61 22.94
N THR A 116 -10.25 2.32 23.97
CA THR A 116 -9.03 1.54 23.76
C THR A 116 -9.17 0.10 24.25
N GLU A 117 -10.15 -0.15 25.11
CA GLU A 117 -10.35 -1.49 25.69
C GLU A 117 -9.03 -1.99 26.30
N GLY A 118 -8.20 -1.04 26.73
CA GLY A 118 -6.93 -1.36 27.36
C GLY A 118 -5.78 -1.71 26.44
N VAL A 119 -5.97 -1.48 25.14
CA VAL A 119 -4.95 -1.79 24.14
C VAL A 119 -3.96 -0.66 23.93
N GLY A 120 -2.70 -1.02 23.69
CA GLY A 120 -1.66 -0.03 23.45
C GLY A 120 -1.95 0.78 22.19
N VAL A 121 -1.16 1.82 21.99
CA VAL A 121 -1.33 2.70 20.84
C VAL A 121 -0.99 2.03 19.52
N ARG A 122 0.19 1.40 19.47
CA ARG A 122 0.63 0.73 18.26
C ARG A 122 -0.38 -0.34 17.83
N ASP A 123 -0.76 -1.20 18.77
CA ASP A 123 -1.69 -2.28 18.50
C ASP A 123 -3.10 -1.83 18.17
N LEU A 124 -3.61 -0.84 18.91
CA LEU A 124 -4.96 -0.36 18.64
C LEU A 124 -5.03 0.23 17.23
N THR A 125 -3.97 0.93 16.83
CA THR A 125 -3.95 1.53 15.51
C THR A 125 -3.86 0.41 14.48
N SER A 126 -3.05 -0.60 14.77
CA SER A 126 -2.88 -1.72 13.87
C SER A 126 -4.21 -2.46 13.68
N MET A 127 -4.95 -2.61 14.76
CA MET A 127 -6.25 -3.28 14.71
C MET A 127 -7.24 -2.53 13.84
N CYS A 128 -7.25 -1.20 13.99
CA CYS A 128 -8.15 -0.37 13.20
C CYS A 128 -7.84 -0.53 11.72
N ILE A 129 -6.54 -0.56 11.40
CA ILE A 129 -6.09 -0.72 10.02
C ILE A 129 -6.60 -2.07 9.48
N GLU A 130 -6.42 -3.12 10.26
CA GLU A 130 -6.86 -4.45 9.84
C GLU A 130 -8.35 -4.44 9.54
N PHE A 131 -9.12 -3.82 10.43
CA PHE A 131 -10.56 -3.74 10.26
C PHE A 131 -10.89 -3.01 8.96
N LEU A 132 -10.31 -1.83 8.79
CA LEU A 132 -10.55 -1.00 7.62
C LEU A 132 -10.25 -1.74 6.30
N GLU A 133 -9.09 -2.39 6.24
CA GLU A 133 -8.74 -3.10 5.03
C GLU A 133 -9.65 -4.30 4.77
N GLU A 134 -10.09 -4.98 5.84
CA GLU A 134 -10.97 -6.12 5.67
C GLU A 134 -12.32 -5.63 5.14
N VAL A 135 -12.77 -4.47 5.63
CA VAL A 135 -14.04 -3.94 5.14
C VAL A 135 -13.91 -3.61 3.64
N LYS A 136 -12.78 -3.06 3.25
CA LYS A 136 -12.56 -2.73 1.84
C LYS A 136 -12.52 -4.01 1.01
N ARG A 137 -11.88 -5.03 1.55
CA ARG A 137 -11.74 -6.32 0.87
C ARG A 137 -13.09 -6.99 0.65
N LEU A 138 -13.96 -6.90 1.66
CA LEU A 138 -15.28 -7.51 1.60
C LEU A 138 -16.28 -6.75 0.75
N THR A 139 -16.17 -5.42 0.74
CA THR A 139 -17.12 -4.61 0.02
C THR A 139 -16.67 -3.99 -1.28
N GLY A 140 -15.36 -3.85 -1.47
CA GLY A 140 -14.87 -3.21 -2.67
C GLY A 140 -15.28 -1.75 -2.60
N LYS A 141 -15.79 -1.33 -1.44
CA LYS A 141 -16.21 0.05 -1.22
C LYS A 141 -15.24 0.75 -0.29
N GLU A 142 -15.28 2.07 -0.23
CA GLU A 142 -14.36 2.82 0.63
C GLU A 142 -14.84 3.07 2.05
N VAL A 143 -13.90 3.48 2.90
CA VAL A 143 -14.17 3.69 4.30
C VAL A 143 -13.72 5.04 4.86
N VAL A 144 -14.17 5.35 6.08
CA VAL A 144 -13.83 6.59 6.76
C VAL A 144 -13.64 6.31 8.25
N VAL A 145 -12.73 7.03 8.88
CA VAL A 145 -12.45 6.84 10.30
C VAL A 145 -13.10 7.90 11.16
N TYR A 146 -13.91 7.46 12.12
CA TYR A 146 -14.54 8.40 13.04
C TYR A 146 -13.87 8.29 14.42
N THR A 147 -13.52 9.44 15.01
CA THR A 147 -12.91 9.50 16.33
C THR A 147 -12.86 10.93 16.84
N TYR A 148 -12.45 11.10 18.10
CA TYR A 148 -12.36 12.43 18.72
C TYR A 148 -10.93 12.92 18.71
N THR A 149 -10.75 14.22 18.54
CA THR A 149 -9.43 14.85 18.50
C THR A 149 -8.43 14.35 19.55
N SER A 150 -8.73 14.58 20.83
CA SER A 150 -7.81 14.15 21.89
C SER A 150 -7.64 12.63 21.96
N PHE A 151 -8.66 11.87 21.57
CA PHE A 151 -8.52 10.42 21.59
C PHE A 151 -7.42 10.04 20.59
N ALA A 152 -7.51 10.58 19.37
CA ALA A 152 -6.53 10.31 18.33
C ALA A 152 -5.13 10.77 18.74
N ASN A 153 -5.04 11.95 19.34
CA ASN A 153 -3.74 12.46 19.78
C ASN A 153 -3.07 11.65 20.89
N ASN A 154 -3.86 10.91 21.65
CA ASN A 154 -3.35 10.13 22.77
C ASN A 154 -3.35 8.62 22.66
N ASN A 155 -4.31 8.05 21.95
CA ASN A 155 -4.36 6.59 21.88
C ASN A 155 -4.23 5.91 20.52
N LEU A 156 -3.88 6.69 19.51
CA LEU A 156 -3.71 6.19 18.13
C LEU A 156 -2.47 6.85 17.52
N ASP A 157 -1.84 6.21 16.54
CA ASP A 157 -0.67 6.81 15.90
C ASP A 157 -0.96 7.25 14.46
N SER A 158 -0.08 8.09 13.92
CA SER A 158 -0.25 8.66 12.58
C SER A 158 -0.53 7.74 11.38
N ARG A 159 -0.36 6.43 11.55
CA ARG A 159 -0.62 5.50 10.46
C ARG A 159 -2.05 5.55 9.95
N LEU A 160 -2.97 6.01 10.80
CA LEU A 160 -4.35 6.12 10.38
C LEU A 160 -4.58 7.33 9.49
N GLY A 161 -3.53 8.14 9.29
CA GLY A 161 -3.63 9.32 8.46
C GLY A 161 -3.83 9.00 6.99
N ASN A 162 -3.72 7.74 6.65
CA ASN A 162 -3.89 7.31 5.26
C ASN A 162 -5.36 7.17 4.89
N TYR A 163 -6.25 7.32 5.88
CA TYR A 163 -7.68 7.20 5.65
C TYR A 163 -8.35 8.55 5.91
N PRO A 164 -9.47 8.83 5.24
CA PRO A 164 -10.10 10.13 5.51
C PRO A 164 -10.70 10.10 6.91
N VAL A 165 -10.86 11.26 7.54
CA VAL A 165 -11.41 11.30 8.88
C VAL A 165 -12.71 12.08 9.02
N TRP A 166 -13.54 11.58 9.93
CA TRP A 166 -14.81 12.16 10.29
C TRP A 166 -14.53 12.47 11.76
N ILE A 167 -14.08 13.69 12.01
CA ILE A 167 -13.67 14.13 13.33
C ILE A 167 -14.78 14.67 14.24
N ALA A 168 -14.71 14.33 15.52
CA ALA A 168 -15.69 14.76 16.51
C ALA A 168 -15.02 15.73 17.47
N HIS A 169 -15.63 16.91 17.63
CA HIS A 169 -15.11 17.95 18.51
C HIS A 169 -16.25 18.95 18.68
N TYR A 170 -16.86 18.94 19.86
CA TYR A 170 -17.99 19.81 20.15
C TYR A 170 -17.56 21.15 20.73
N GLY A 171 -18.46 22.12 20.63
CA GLY A 171 -18.18 23.44 21.17
C GLY A 171 -17.22 24.32 20.40
N VAL A 172 -16.82 23.88 19.20
CA VAL A 172 -15.88 24.67 18.41
C VAL A 172 -16.31 24.76 16.96
N ASN A 173 -15.78 25.77 16.27
CA ASN A 173 -16.10 25.97 14.86
C ASN A 173 -15.03 25.33 14.00
N THR A 174 -13.98 24.83 14.64
CA THR A 174 -12.87 24.20 13.95
C THR A 174 -12.31 23.05 14.78
N PRO A 175 -12.17 21.85 14.19
CA PRO A 175 -11.62 20.75 14.96
C PRO A 175 -10.24 21.17 15.47
N GLY A 176 -9.86 20.73 16.68
CA GLY A 176 -8.58 21.10 17.25
C GLY A 176 -7.35 20.46 16.63
N ALA A 177 -6.17 20.98 16.98
CA ALA A 177 -4.90 20.46 16.46
C ALA A 177 -4.98 18.93 16.49
N ASN A 178 -4.54 18.31 15.40
CA ASN A 178 -4.61 16.87 15.24
C ASN A 178 -3.26 16.37 14.75
N ASN A 179 -2.70 15.35 15.41
CA ASN A 179 -1.40 14.86 14.96
C ASN A 179 -1.48 13.67 13.99
N ILE A 180 -2.69 13.37 13.50
CA ILE A 180 -2.84 12.28 12.55
C ILE A 180 -3.39 12.77 11.23
N TRP A 181 -4.42 13.63 11.28
CA TRP A 181 -5.02 14.16 10.07
C TRP A 181 -4.85 15.67 9.98
N SER A 182 -4.77 16.19 8.76
CA SER A 182 -4.60 17.62 8.54
C SER A 182 -5.82 18.19 7.85
N SER A 183 -6.79 17.34 7.58
CA SER A 183 -8.05 17.72 6.93
C SER A 183 -9.11 16.66 7.21
N TRP A 184 -10.38 17.05 7.13
CA TRP A 184 -11.49 16.14 7.40
C TRP A 184 -12.55 16.12 6.31
N VAL A 185 -13.30 15.02 6.23
CA VAL A 185 -14.38 14.89 5.26
C VAL A 185 -15.66 14.94 6.06
N GLY A 186 -15.54 14.73 7.37
CA GLY A 186 -16.70 14.78 8.23
C GLY A 186 -16.36 15.47 9.54
N PHE A 187 -17.27 16.29 10.04
CA PHE A 187 -17.08 17.02 11.29
C PHE A 187 -18.34 16.92 12.16
N GLN A 188 -18.24 16.20 13.27
CA GLN A 188 -19.37 16.05 14.17
C GLN A 188 -19.14 17.14 15.21
N TYR A 189 -19.86 18.25 15.06
CA TYR A 189 -19.68 19.37 15.97
C TYR A 189 -20.61 19.48 17.17
N SER A 190 -21.64 18.64 17.22
CA SER A 190 -22.56 18.68 18.36
C SER A 190 -23.34 17.39 18.53
N GLU A 191 -23.68 17.08 19.78
CA GLU A 191 -24.46 15.88 20.09
C GLU A 191 -25.81 16.33 20.66
N ASN A 192 -26.01 17.64 20.73
CA ASN A 192 -27.26 18.15 21.28
C ASN A 192 -28.01 19.04 20.31
N GLY A 193 -28.03 18.65 19.04
CA GLY A 193 -28.75 19.42 18.05
C GLY A 193 -30.24 19.15 18.07
N SER A 194 -31.02 20.05 17.49
CA SER A 194 -32.46 19.88 17.45
C SER A 194 -32.89 19.67 16.00
N VAL A 195 -33.25 18.42 15.69
CA VAL A 195 -33.66 18.05 14.33
C VAL A 195 -35.06 17.44 14.29
N ALA A 196 -35.89 17.97 13.39
CA ALA A 196 -37.26 17.49 13.25
C ALA A 196 -37.31 16.00 12.92
N GLY A 197 -37.99 15.23 13.75
CA GLY A 197 -38.11 13.80 13.52
C GLY A 197 -37.24 12.97 14.45
N VAL A 198 -36.35 13.63 15.17
CA VAL A 198 -35.45 12.96 16.10
C VAL A 198 -35.69 13.44 17.52
N ASN A 199 -35.99 12.50 18.43
CA ASN A 199 -36.23 12.90 19.81
C ASN A 199 -34.93 13.22 20.53
N GLY A 200 -35.03 14.06 21.55
CA GLY A 200 -33.86 14.45 22.32
C GLY A 200 -32.82 15.20 21.50
N GLY A 201 -31.58 15.23 22.01
CA GLY A 201 -30.49 15.90 21.34
C GLY A 201 -29.95 15.04 20.22
N CYS A 202 -29.82 15.63 19.04
CA CYS A 202 -29.35 14.90 17.86
C CYS A 202 -27.89 15.20 17.52
N ASP A 203 -27.17 14.19 17.03
CA ASP A 203 -25.76 14.34 16.64
C ASP A 203 -25.73 15.13 15.32
N MET A 204 -24.98 16.22 15.29
CA MET A 204 -24.88 17.04 14.09
C MET A 204 -23.55 16.89 13.35
N ASN A 205 -23.60 16.92 12.01
CA ASN A 205 -22.38 16.78 11.20
C ASN A 205 -22.35 17.64 9.94
N GLU A 206 -21.14 17.93 9.47
CA GLU A 206 -20.97 18.62 8.21
C GLU A 206 -20.14 17.63 7.43
N PHE A 207 -20.52 17.38 6.18
CA PHE A 207 -19.77 16.44 5.35
C PHE A 207 -19.41 17.07 4.02
N THR A 208 -18.19 16.80 3.55
CA THR A 208 -17.75 17.30 2.26
C THR A 208 -18.16 16.21 1.27
N GLU A 209 -18.07 16.49 -0.03
CA GLU A 209 -18.45 15.51 -1.03
C GLU A 209 -17.61 14.24 -0.97
N GLU A 210 -16.49 14.29 -0.26
CA GLU A 210 -15.64 13.10 -0.16
C GLU A 210 -16.22 12.01 0.71
N ILE A 211 -17.34 12.30 1.38
CA ILE A 211 -17.96 11.30 2.23
C ILE A 211 -18.65 10.24 1.36
N PHE A 212 -18.94 10.58 0.11
CA PHE A 212 -19.60 9.66 -0.80
C PHE A 212 -18.71 8.59 -1.40
N ILE A 213 -19.27 7.40 -1.57
CA ILE A 213 -18.57 6.25 -2.15
C ILE A 213 -18.45 6.50 -3.67
N ASP A 214 -19.48 7.08 -4.26
CA ASP A 214 -19.46 7.37 -5.70
C ASP A 214 -18.66 8.66 -5.90
N SER A 215 -17.45 8.51 -6.42
CA SER A 215 -16.57 9.65 -6.66
C SER A 215 -16.30 9.88 -8.14
N SER A 216 -17.18 9.38 -8.99
CA SER A 216 -17.00 9.51 -10.44
C SER A 216 -17.39 10.86 -11.04
N ASN A 217 -18.09 11.68 -10.26
CA ASN A 217 -18.54 12.98 -10.73
C ASN A 217 -17.44 13.97 -11.11
N PHE A 218 -17.79 14.91 -11.98
CA PHE A 218 -16.88 15.98 -12.40
C PHE A 218 -17.60 17.27 -12.05
N ASN A 219 -17.05 18.01 -11.11
CA ASN A 219 -17.67 19.26 -10.66
C ASN A 219 -16.86 20.51 -10.94
N LEU A 220 -16.05 20.47 -11.98
CA LEU A 220 -15.24 21.61 -12.36
C LEU A 220 -15.94 22.31 -13.54
N ASP A 221 -15.32 23.34 -14.10
CA ASP A 221 -15.92 24.07 -15.21
C ASP A 221 -16.38 23.16 -16.34
N ASN A 222 -17.57 23.44 -16.86
CA ASN A 222 -18.14 22.63 -17.94
C ASN A 222 -18.66 23.52 -19.08
N ALA A 223 -18.25 24.78 -19.09
CA ALA A 223 -18.71 25.66 -20.14
C ALA A 223 -17.76 26.83 -20.39
N THR A 224 -17.91 27.41 -21.57
CA THR A 224 -17.12 28.56 -21.98
C THR A 224 -18.05 29.46 -22.77
N THR A 225 -17.54 30.60 -23.20
CA THR A 225 -18.35 31.54 -23.95
C THR A 225 -18.28 31.30 -25.45
N LYS A 226 -19.20 31.94 -26.17
CA LYS A 226 -19.25 31.87 -27.62
C LYS A 226 -19.90 33.16 -28.09
N ASN A 227 -19.48 33.65 -29.25
CA ASN A 227 -20.04 34.88 -29.82
C ASN A 227 -19.91 36.08 -28.89
N VAL A 228 -18.98 36.00 -27.95
CA VAL A 228 -18.72 37.08 -27.00
C VAL A 228 -17.39 37.71 -27.39
N SER A 229 -17.43 38.96 -27.83
CA SER A 229 -16.24 39.69 -28.26
C SER A 229 -15.34 40.03 -27.09
N THR A 230 -15.94 40.43 -25.96
CA THR A 230 -15.15 40.82 -24.81
C THR A 230 -15.49 40.11 -23.52
N LYS A 231 -16.73 40.23 -23.06
CA LYS A 231 -17.12 39.59 -21.81
C LYS A 231 -18.60 39.21 -21.80
N LEU A 232 -18.93 38.23 -20.97
CA LEU A 232 -20.31 37.76 -20.83
C LEU A 232 -20.86 38.19 -19.49
N ASN A 233 -21.87 39.05 -19.50
CA ASN A 233 -22.47 39.52 -18.26
C ASN A 233 -23.16 38.47 -17.40
N ILE A 234 -22.93 38.57 -16.09
CA ILE A 234 -23.54 37.69 -15.10
C ILE A 234 -24.57 38.60 -14.43
N ARG A 235 -25.83 38.19 -14.41
CA ARG A 235 -26.86 39.02 -13.78
C ARG A 235 -27.52 38.33 -12.61
N ALA A 236 -28.14 39.13 -11.74
CA ALA A 236 -28.82 38.62 -10.55
C ALA A 236 -29.97 37.68 -10.92
N LYS A 237 -30.56 37.92 -12.08
CA LYS A 237 -31.67 37.11 -12.58
C LYS A 237 -31.60 36.98 -14.09
N GLY A 238 -32.32 36.02 -14.64
CA GLY A 238 -32.30 35.83 -16.07
C GLY A 238 -33.06 36.93 -16.77
N THR A 239 -32.55 38.16 -16.70
CA THR A 239 -33.19 39.32 -17.31
C THR A 239 -32.21 40.49 -17.44
N THR A 240 -32.22 41.18 -18.58
CA THR A 240 -31.33 42.32 -18.72
C THR A 240 -31.87 43.45 -17.84
N ASN A 241 -33.00 43.18 -17.20
CA ASN A 241 -33.62 44.12 -16.28
C ASN A 241 -33.02 43.82 -14.91
N SER A 242 -32.30 42.71 -14.85
CA SER A 242 -31.65 42.29 -13.62
C SER A 242 -30.29 42.97 -13.52
N LYS A 243 -29.80 43.11 -12.29
CA LYS A 243 -28.53 43.76 -12.03
C LYS A 243 -27.33 42.89 -12.40
N ILE A 244 -26.35 43.51 -13.07
CA ILE A 244 -25.13 42.80 -13.45
C ILE A 244 -24.30 42.65 -12.19
N ILE A 245 -24.19 41.42 -11.70
CA ILE A 245 -23.43 41.15 -10.49
C ILE A 245 -22.05 40.58 -10.78
N GLY A 246 -21.69 40.49 -12.06
CA GLY A 246 -20.40 39.95 -12.44
C GLY A 246 -20.21 39.84 -13.94
N SER A 247 -19.02 39.41 -14.35
CA SER A 247 -18.71 39.26 -15.77
C SER A 247 -17.71 38.13 -16.04
N ILE A 248 -17.76 37.61 -17.25
CA ILE A 248 -16.88 36.53 -17.68
C ILE A 248 -16.13 36.95 -18.93
N PRO A 249 -14.81 37.17 -18.84
CA PRO A 249 -14.11 37.58 -20.06
C PRO A 249 -14.20 36.52 -21.15
N ALA A 250 -14.34 36.97 -22.39
CA ALA A 250 -14.46 36.08 -23.54
C ALA A 250 -13.41 34.99 -23.52
N GLY A 251 -13.83 33.76 -23.77
CA GLY A 251 -12.89 32.66 -23.80
C GLY A 251 -12.64 31.92 -22.50
N GLU A 252 -13.06 32.51 -21.37
CA GLU A 252 -12.86 31.87 -20.08
C GLU A 252 -13.87 30.78 -19.81
N THR A 253 -13.56 29.88 -18.87
CA THR A 253 -14.48 28.80 -18.54
C THR A 253 -15.18 29.09 -17.22
N PHE A 254 -16.32 28.45 -17.02
CA PHE A 254 -17.12 28.61 -15.82
C PHE A 254 -17.92 27.35 -15.60
N LYS A 255 -18.72 27.33 -14.55
CA LYS A 255 -19.49 26.14 -14.24
C LYS A 255 -21.00 26.32 -14.28
N ILE A 256 -21.67 25.59 -15.16
CA ILE A 256 -23.13 25.67 -15.24
C ILE A 256 -23.65 24.81 -14.11
N LYS A 257 -24.47 25.39 -13.25
CA LYS A 257 -25.03 24.65 -12.13
C LYS A 257 -26.31 23.96 -12.57
N TRP A 258 -27.21 24.72 -13.16
CA TRP A 258 -28.48 24.16 -13.63
C TRP A 258 -29.28 25.23 -14.34
N VAL A 259 -30.44 24.84 -14.85
CA VAL A 259 -31.34 25.77 -15.53
C VAL A 259 -32.54 25.95 -14.60
N ASP A 260 -32.89 27.19 -14.31
CA ASP A 260 -34.04 27.46 -13.45
C ASP A 260 -35.30 27.69 -14.27
N GLU A 261 -36.41 27.11 -13.82
CA GLU A 261 -37.70 27.22 -14.49
C GLU A 261 -38.15 28.65 -14.78
N ASP A 262 -38.02 29.53 -13.80
CA ASP A 262 -38.42 30.91 -13.99
C ASP A 262 -37.52 31.63 -14.98
N TYR A 263 -36.46 30.96 -15.41
CA TYR A 263 -35.53 31.57 -16.34
C TYR A 263 -34.99 30.64 -17.41
N LEU A 264 -35.87 30.17 -18.29
CA LEU A 264 -35.46 29.30 -19.38
C LEU A 264 -34.70 30.19 -20.37
N GLY A 265 -33.68 29.65 -21.02
CA GLY A 265 -32.92 30.44 -21.96
C GLY A 265 -31.70 31.08 -21.30
N TRP A 266 -31.55 30.84 -20.00
CA TRP A 266 -30.40 31.34 -19.24
C TRP A 266 -29.83 30.16 -18.45
N TYR A 267 -28.55 30.27 -18.11
CA TYR A 267 -27.89 29.25 -17.31
C TYR A 267 -27.56 29.84 -15.95
N TYR A 268 -27.70 29.03 -14.91
CA TYR A 268 -27.37 29.49 -13.57
C TYR A 268 -25.94 28.97 -13.39
N VAL A 269 -24.99 29.90 -13.35
CA VAL A 269 -23.58 29.52 -13.28
C VAL A 269 -22.77 30.06 -12.10
N GLU A 270 -21.49 29.69 -12.11
CA GLU A 270 -20.54 30.14 -11.10
C GLU A 270 -19.20 30.36 -11.78
N TYR A 271 -18.68 31.58 -11.64
CA TYR A 271 -17.40 31.95 -12.20
C TYR A 271 -16.65 32.78 -11.18
N ASN A 272 -15.46 32.32 -10.80
CA ASN A 272 -14.63 33.02 -9.83
C ASN A 272 -15.41 33.56 -8.65
N GLY A 273 -16.06 32.67 -7.91
CA GLY A 273 -16.79 33.07 -6.72
C GLY A 273 -18.20 33.61 -6.89
N VAL A 274 -18.52 34.17 -8.05
CA VAL A 274 -19.86 34.72 -8.29
C VAL A 274 -20.85 33.67 -8.79
N VAL A 275 -22.09 33.77 -8.33
CA VAL A 275 -23.15 32.85 -8.74
C VAL A 275 -24.27 33.68 -9.35
N GLY A 276 -24.56 33.42 -10.62
CA GLY A 276 -25.61 34.17 -11.29
C GLY A 276 -26.18 33.55 -12.56
N TYR A 277 -26.88 34.37 -13.33
CA TYR A 277 -27.51 33.93 -14.57
C TYR A 277 -26.82 34.51 -15.80
N VAL A 278 -26.68 33.67 -16.82
CA VAL A 278 -26.07 34.11 -18.08
C VAL A 278 -26.95 33.66 -19.25
N ASN A 279 -27.01 34.49 -20.28
CA ASN A 279 -27.81 34.20 -21.45
C ASN A 279 -27.23 32.99 -22.19
N ALA A 280 -28.03 31.94 -22.37
CA ALA A 280 -27.55 30.73 -23.03
C ALA A 280 -27.04 30.89 -24.47
N ASP A 281 -27.47 31.95 -25.15
CA ASP A 281 -27.02 32.18 -26.52
C ASP A 281 -25.53 32.41 -26.59
N TYR A 282 -24.93 32.71 -25.44
CA TYR A 282 -23.52 32.99 -25.38
C TYR A 282 -22.73 31.95 -24.58
N VAL A 283 -23.35 30.80 -24.37
CA VAL A 283 -22.70 29.74 -23.62
C VAL A 283 -22.51 28.48 -24.46
N GLU A 284 -21.28 27.95 -24.43
CA GLU A 284 -20.95 26.73 -25.16
C GLU A 284 -20.53 25.70 -24.12
N LYS A 285 -21.21 24.56 -24.09
CA LYS A 285 -20.85 23.52 -23.14
C LYS A 285 -19.54 22.84 -23.57
N LEU A 286 -18.72 22.47 -22.59
CA LEU A 286 -17.46 21.79 -22.88
C LEU A 286 -17.79 20.30 -23.02
N GLN A 287 -16.89 19.54 -23.64
CA GLN A 287 -17.14 18.12 -23.86
C GLN A 287 -16.77 17.24 -22.67
N MET A 288 -17.79 16.60 -22.09
CA MET A 288 -17.60 15.69 -20.99
C MET A 288 -17.46 14.30 -21.60
N ALA A 289 -16.84 13.39 -20.86
CA ALA A 289 -16.64 12.04 -21.34
C ALA A 289 -16.29 11.13 -20.17
N THR A 290 -16.38 9.83 -20.42
CA THR A 290 -16.05 8.84 -19.41
C THR A 290 -15.19 7.78 -20.08
N THR A 291 -14.90 6.71 -19.36
CA THR A 291 -14.09 5.65 -19.91
C THR A 291 -14.94 4.74 -20.75
N TYR A 292 -14.26 3.98 -21.61
CA TYR A 292 -14.91 3.05 -22.48
C TYR A 292 -14.01 1.82 -22.57
N ASN A 293 -14.57 0.65 -22.29
CA ASN A 293 -13.78 -0.58 -22.34
C ASN A 293 -12.63 -0.51 -21.34
N VAL A 294 -12.88 0.03 -20.16
CA VAL A 294 -11.87 0.14 -19.11
C VAL A 294 -12.36 -0.60 -17.86
N SER A 295 -11.91 -1.83 -17.69
CA SER A 295 -12.32 -2.62 -16.54
C SER A 295 -11.77 -2.12 -15.21
N THR A 296 -10.60 -1.47 -15.23
CA THR A 296 -9.99 -0.99 -14.01
C THR A 296 -9.80 0.53 -13.96
N PHE A 297 -8.71 1.01 -14.55
CA PHE A 297 -8.44 2.45 -14.60
C PHE A 297 -7.73 2.78 -15.91
N LEU A 298 -7.73 4.07 -16.25
CA LEU A 298 -7.09 4.56 -17.48
C LEU A 298 -5.99 5.53 -17.10
N ASN A 299 -4.80 5.32 -17.65
CA ASN A 299 -3.69 6.19 -17.35
C ASN A 299 -3.83 7.54 -18.02
N VAL A 300 -3.41 8.58 -17.32
CA VAL A 300 -3.40 9.94 -17.87
C VAL A 300 -1.91 10.23 -17.93
N ARG A 301 -1.43 10.56 -19.12
CA ARG A 301 -0.01 10.82 -19.35
C ARG A 301 0.31 12.29 -19.62
N GLU A 302 1.55 12.66 -19.33
CA GLU A 302 2.04 14.03 -19.52
C GLU A 302 1.83 14.46 -20.96
N GLU A 303 2.10 13.55 -21.90
CA GLU A 303 1.88 13.81 -23.31
C GLU A 303 1.37 12.54 -23.98
N GLY A 304 0.73 12.71 -25.13
CA GLY A 304 0.14 11.58 -25.84
C GLY A 304 1.07 10.51 -26.39
N SER A 305 1.74 9.78 -25.50
CA SER A 305 2.65 8.73 -25.93
C SER A 305 2.78 7.65 -24.86
N LEU A 306 3.00 6.41 -25.28
CA LEU A 306 3.11 5.29 -24.34
C LEU A 306 4.36 5.29 -23.47
N ASN A 307 5.30 6.16 -23.80
CA ASN A 307 6.53 6.23 -23.02
C ASN A 307 6.50 7.49 -22.16
N SER A 308 5.38 8.20 -22.22
CA SER A 308 5.21 9.42 -21.48
C SER A 308 4.83 9.19 -20.02
N ARG A 309 5.46 9.93 -19.13
CA ARG A 309 5.20 9.81 -17.70
C ARG A 309 3.72 9.79 -17.37
N ILE A 310 3.31 8.78 -16.60
CA ILE A 310 1.93 8.67 -16.16
C ILE A 310 1.75 9.62 -14.99
N VAL A 311 0.82 10.56 -15.10
CA VAL A 311 0.61 11.55 -14.06
C VAL A 311 -0.66 11.41 -13.22
N ASP A 312 -1.59 10.59 -13.68
CA ASP A 312 -2.83 10.40 -12.93
C ASP A 312 -3.55 9.20 -13.52
N LYS A 313 -4.75 8.95 -13.03
CA LYS A 313 -5.52 7.84 -13.55
C LYS A 313 -7.00 8.18 -13.56
N ILE A 314 -7.74 7.57 -14.47
CA ILE A 314 -9.17 7.79 -14.57
C ILE A 314 -9.79 6.45 -14.16
N ASN A 315 -10.52 6.43 -13.05
CA ASN A 315 -11.17 5.21 -12.62
C ASN A 315 -12.35 4.87 -13.52
N SER A 316 -12.49 3.58 -13.83
CA SER A 316 -13.59 3.13 -14.66
C SER A 316 -14.86 3.86 -14.24
N GLY A 317 -15.53 4.49 -15.20
CA GLY A 317 -16.76 5.21 -14.90
C GLY A 317 -16.62 6.66 -14.47
N ASP A 318 -15.39 7.12 -14.23
CA ASP A 318 -15.20 8.51 -13.83
C ASP A 318 -15.50 9.44 -15.00
N ILE A 319 -15.89 10.66 -14.68
CA ILE A 319 -16.18 11.63 -15.70
C ILE A 319 -15.06 12.66 -15.77
N PHE A 320 -14.59 12.93 -16.99
CA PHE A 320 -13.56 13.91 -17.20
C PHE A 320 -13.96 14.80 -18.37
N ARG A 321 -13.14 15.80 -18.64
CA ARG A 321 -13.40 16.76 -19.70
C ARG A 321 -12.39 16.66 -20.83
N ILE A 322 -12.88 16.68 -22.07
CA ILE A 322 -11.99 16.65 -23.21
C ILE A 322 -11.76 18.12 -23.55
N ASP A 323 -10.54 18.58 -23.37
CA ASP A 323 -10.21 19.97 -23.62
C ASP A 323 -9.98 20.27 -25.09
N TRP A 324 -9.20 19.43 -25.75
CA TRP A 324 -8.92 19.61 -27.16
C TRP A 324 -8.03 18.50 -27.65
N VAL A 325 -7.89 18.42 -28.96
CA VAL A 325 -7.04 17.44 -29.59
C VAL A 325 -5.72 18.15 -29.93
N ASP A 326 -4.62 17.68 -29.34
CA ASP A 326 -3.31 18.26 -29.60
C ASP A 326 -2.81 17.58 -30.86
N SER A 327 -2.54 18.37 -31.89
CA SER A 327 -2.10 17.82 -33.18
C SER A 327 -0.84 16.96 -33.12
N ASP A 328 -0.03 17.16 -32.07
CA ASP A 328 1.21 16.40 -31.91
C ASP A 328 0.89 14.96 -31.52
N PHE A 329 -0.25 14.76 -30.88
CA PHE A 329 -0.64 13.45 -30.41
C PHE A 329 -1.99 13.01 -30.94
N ILE A 330 -2.05 12.78 -32.25
CA ILE A 330 -3.29 12.31 -32.88
C ILE A 330 -3.57 10.96 -32.27
N GLY A 331 -4.84 10.68 -32.00
CA GLY A 331 -5.21 9.41 -31.39
C GLY A 331 -5.34 9.54 -29.88
N TRP A 332 -5.08 10.75 -29.38
CA TRP A 332 -5.18 11.02 -27.96
C TRP A 332 -5.97 12.29 -27.71
N TYR A 333 -6.50 12.43 -26.50
CA TYR A 333 -7.23 13.65 -26.13
C TYR A 333 -6.49 14.32 -24.99
N ARG A 334 -6.50 15.64 -24.99
CA ARG A 334 -5.89 16.39 -23.90
C ARG A 334 -7.11 16.58 -23.00
N ILE A 335 -6.98 16.18 -21.75
CA ILE A 335 -8.11 16.26 -20.83
C ILE A 335 -7.81 16.91 -19.49
N THR A 336 -8.87 17.06 -18.71
CA THR A 336 -8.80 17.62 -17.37
C THR A 336 -9.60 16.63 -16.53
N THR A 337 -8.96 16.08 -15.50
CA THR A 337 -9.62 15.10 -14.64
C THR A 337 -10.50 15.81 -13.62
N LYS A 338 -11.38 15.04 -12.97
CA LYS A 338 -12.28 15.58 -11.95
C LYS A 338 -11.50 16.20 -10.80
N ASN A 339 -10.19 15.94 -10.76
CA ASN A 339 -9.36 16.49 -9.69
C ASN A 339 -8.60 17.73 -10.10
N GLY A 340 -8.87 18.21 -11.30
CA GLY A 340 -8.21 19.41 -11.78
C GLY A 340 -6.91 19.16 -12.51
N LYS A 341 -6.50 17.90 -12.61
CA LYS A 341 -5.25 17.56 -13.29
C LYS A 341 -5.41 17.48 -14.80
N VAL A 342 -4.38 17.90 -15.53
CA VAL A 342 -4.41 17.84 -16.99
C VAL A 342 -3.45 16.77 -17.49
N GLY A 343 -3.71 16.27 -18.69
CA GLY A 343 -2.87 15.23 -19.28
C GLY A 343 -3.52 14.65 -20.52
N PHE A 344 -2.97 13.57 -21.04
CA PHE A 344 -3.50 12.93 -22.23
C PHE A 344 -3.97 11.50 -21.98
N VAL A 345 -4.99 11.09 -22.75
CA VAL A 345 -5.54 9.73 -22.63
C VAL A 345 -5.77 9.16 -24.02
N ASN A 346 -5.60 7.85 -24.14
CA ASN A 346 -5.77 7.17 -25.42
C ASN A 346 -7.24 7.14 -25.83
N ALA A 347 -7.52 7.70 -27.00
CA ALA A 347 -8.89 7.77 -27.53
C ALA A 347 -9.64 6.44 -27.59
N GLU A 348 -8.94 5.34 -27.80
CA GLU A 348 -9.61 4.04 -27.87
C GLU A 348 -10.38 3.70 -26.60
N PHE A 349 -10.13 4.44 -25.53
CA PHE A 349 -10.77 4.15 -24.26
C PHE A 349 -11.65 5.27 -23.74
N VAL A 350 -12.11 6.13 -24.63
CA VAL A 350 -12.95 7.25 -24.22
C VAL A 350 -14.33 7.22 -24.87
N LYS A 351 -15.34 7.56 -24.08
CA LYS A 351 -16.71 7.63 -24.53
C LYS A 351 -17.19 9.05 -24.28
N LYS A 352 -17.59 9.75 -25.34
CA LYS A 352 -18.08 11.11 -25.17
C LYS A 352 -19.47 11.09 -24.57
N LEU A 353 -19.76 12.09 -23.72
CA LEU A 353 -21.06 12.21 -23.08
C LEU A 353 -21.75 13.52 -23.48
N MET B 12 28.80 -18.77 -5.89
CA MET B 12 27.88 -19.56 -6.76
C MET B 12 27.13 -20.57 -5.91
N GLN B 13 26.03 -21.10 -6.45
CA GLN B 13 25.22 -22.10 -5.74
C GLN B 13 24.62 -23.06 -6.75
N SER B 14 23.68 -23.89 -6.30
CA SER B 14 23.02 -24.85 -7.17
C SER B 14 21.54 -24.92 -6.83
N ARG B 15 20.91 -26.04 -7.18
CA ARG B 15 19.50 -26.23 -6.91
C ARG B 15 19.33 -27.11 -5.68
N ASN B 16 18.12 -27.14 -5.12
CA ASN B 16 17.85 -27.95 -3.94
C ASN B 16 16.37 -27.88 -3.53
N ASN B 17 15.82 -29.00 -3.10
CA ASN B 17 14.43 -29.09 -2.70
C ASN B 17 14.03 -28.27 -1.50
N ASN B 18 14.95 -28.13 -0.55
CA ASN B 18 14.68 -27.34 0.65
C ASN B 18 14.42 -25.89 0.28
N ASN B 19 14.96 -25.45 -0.86
CA ASN B 19 14.76 -24.08 -1.33
C ASN B 19 13.27 -23.81 -1.52
N LEU B 20 12.91 -22.53 -1.62
CA LEU B 20 11.53 -22.15 -1.82
C LEU B 20 11.21 -22.20 -3.31
N LYS B 21 10.02 -22.69 -3.64
CA LYS B 21 9.58 -22.76 -5.03
C LYS B 21 8.72 -21.54 -5.34
N GLY B 22 9.21 -20.68 -6.23
CA GLY B 22 8.45 -19.49 -6.58
C GLY B 22 8.46 -19.12 -8.05
N ILE B 23 7.57 -18.21 -8.42
CA ILE B 23 7.47 -17.75 -9.81
C ILE B 23 7.35 -16.23 -9.85
N ASP B 24 7.56 -15.65 -11.03
CA ASP B 24 7.40 -14.21 -11.20
C ASP B 24 6.52 -14.02 -12.44
N VAL B 25 5.47 -13.22 -12.30
CA VAL B 25 4.51 -12.99 -13.38
C VAL B 25 4.29 -11.52 -13.69
N SER B 26 3.66 -11.27 -14.83
CA SER B 26 3.34 -9.91 -15.26
C SER B 26 2.00 -9.91 -16.00
N ASN B 27 1.57 -8.73 -16.42
CA ASN B 27 0.32 -8.56 -17.16
C ASN B 27 0.29 -9.45 -18.40
N TRP B 28 1.46 -9.66 -18.99
CA TRP B 28 1.57 -10.51 -20.18
C TRP B 28 0.86 -11.85 -19.97
N LYS B 29 0.75 -12.27 -18.72
CA LYS B 29 0.11 -13.54 -18.38
C LYS B 29 -1.40 -13.45 -18.14
N GLY B 30 -1.94 -12.24 -18.17
CA GLY B 30 -3.36 -12.08 -17.95
C GLY B 30 -3.81 -12.68 -16.63
N ASN B 31 -5.05 -13.15 -16.59
CA ASN B 31 -5.59 -13.74 -15.37
C ASN B 31 -4.90 -15.04 -15.01
N ILE B 32 -4.67 -15.23 -13.71
CA ILE B 32 -4.00 -16.43 -13.22
C ILE B 32 -4.85 -17.09 -12.12
N ASN B 33 -4.89 -18.42 -12.14
CA ASN B 33 -5.64 -19.14 -11.13
C ASN B 33 -4.65 -19.46 -10.02
N PHE B 34 -4.70 -18.68 -8.94
CA PHE B 34 -3.78 -18.84 -7.82
C PHE B 34 -4.10 -20.03 -6.93
N GLU B 35 -5.29 -20.61 -7.08
CA GLU B 35 -5.64 -21.78 -6.30
C GLU B 35 -4.87 -22.93 -6.94
N SER B 36 -4.82 -22.93 -8.27
CA SER B 36 -4.11 -23.96 -8.99
C SER B 36 -2.62 -23.79 -8.75
N VAL B 37 -2.19 -22.53 -8.64
CA VAL B 37 -0.78 -22.23 -8.41
C VAL B 37 -0.28 -22.84 -7.10
N LYS B 38 -1.02 -22.60 -6.02
CA LYS B 38 -0.67 -23.12 -4.71
C LYS B 38 -0.68 -24.66 -4.68
N ASN B 39 -1.71 -25.25 -5.26
CA ASN B 39 -1.80 -26.72 -5.31
C ASN B 39 -0.80 -27.30 -6.29
N ASP B 40 0.04 -26.43 -6.85
CA ASP B 40 1.07 -26.87 -7.79
C ASP B 40 2.44 -26.75 -7.12
N GLY B 41 2.44 -26.34 -5.86
CA GLY B 41 3.69 -26.22 -5.12
C GLY B 41 4.18 -24.81 -4.84
N VAL B 42 4.23 -23.98 -5.87
CA VAL B 42 4.70 -22.60 -5.74
C VAL B 42 4.36 -21.95 -4.40
N GLU B 43 5.38 -21.45 -3.71
CA GLU B 43 5.19 -20.83 -2.42
C GLU B 43 5.38 -19.32 -2.46
N VAL B 44 6.18 -18.85 -3.42
CA VAL B 44 6.43 -17.42 -3.55
C VAL B 44 6.11 -16.86 -4.94
N VAL B 45 5.40 -15.74 -4.97
CA VAL B 45 5.03 -15.11 -6.23
C VAL B 45 5.49 -13.66 -6.39
N TYR B 46 6.36 -13.41 -7.35
CA TYR B 46 6.81 -12.06 -7.63
C TYR B 46 5.93 -11.52 -8.74
N ILE B 47 5.46 -10.29 -8.56
CA ILE B 47 4.56 -9.63 -9.49
C ILE B 47 5.11 -8.34 -10.08
N LYS B 48 5.00 -8.19 -11.39
CA LYS B 48 5.48 -6.95 -11.99
C LYS B 48 4.54 -5.84 -11.56
N ALA B 49 5.10 -4.71 -11.15
CA ALA B 49 4.28 -3.60 -10.71
C ALA B 49 4.39 -2.43 -11.69
N THR B 50 5.60 -1.96 -11.89
CA THR B 50 5.85 -0.82 -12.75
C THR B 50 7.09 -0.94 -13.63
N GLU B 51 7.18 -0.03 -14.60
CA GLU B 51 8.33 0.03 -15.50
C GLU B 51 8.62 1.51 -15.76
N GLY B 52 9.88 1.91 -15.62
CA GLY B 52 10.23 3.30 -15.82
C GLY B 52 9.26 4.14 -15.01
N ASN B 53 8.70 5.18 -15.61
CA ASN B 53 7.73 6.03 -14.92
C ASN B 53 6.57 6.21 -15.88
N TYR B 54 6.48 5.29 -16.83
CA TYR B 54 5.45 5.38 -17.86
C TYR B 54 4.59 4.14 -18.03
N PHE B 55 4.65 3.22 -17.08
CA PHE B 55 3.84 2.02 -17.19
C PHE B 55 3.46 1.40 -15.85
N LYS B 56 2.18 1.12 -15.69
CA LYS B 56 1.67 0.48 -14.50
C LYS B 56 1.09 -0.86 -14.94
N ASP B 57 1.49 -1.94 -14.29
CA ASP B 57 0.98 -3.26 -14.65
C ASP B 57 -0.45 -3.36 -14.15
N LYS B 58 -1.39 -3.43 -15.09
CA LYS B 58 -2.81 -3.47 -14.74
C LYS B 58 -3.24 -4.71 -13.96
N TYR B 59 -2.41 -5.74 -13.93
CA TYR B 59 -2.75 -6.95 -13.20
C TYR B 59 -2.14 -7.04 -11.80
N ALA B 60 -1.31 -6.07 -11.46
CA ALA B 60 -0.66 -6.04 -10.17
C ALA B 60 -1.61 -6.37 -9.01
N LYS B 61 -2.58 -5.49 -8.77
CA LYS B 61 -3.54 -5.66 -7.69
C LYS B 61 -4.25 -7.01 -7.69
N GLN B 62 -4.54 -7.49 -8.89
CA GLN B 62 -5.23 -8.76 -9.06
C GLN B 62 -4.33 -9.91 -8.59
N ASN B 63 -3.10 -9.94 -9.06
CA ASN B 63 -2.18 -11.02 -8.69
C ASN B 63 -1.81 -11.02 -7.21
N TYR B 64 -1.79 -9.84 -6.60
CA TYR B 64 -1.46 -9.72 -5.20
C TYR B 64 -2.58 -10.28 -4.31
N GLU B 65 -3.80 -9.86 -4.58
CA GLU B 65 -4.94 -10.31 -3.79
C GLU B 65 -5.24 -11.78 -4.00
N GLY B 66 -5.00 -12.25 -5.21
CA GLY B 66 -5.25 -13.64 -5.53
C GLY B 66 -4.24 -14.55 -4.87
N ALA B 67 -2.98 -14.11 -4.85
CA ALA B 67 -1.90 -14.89 -4.25
C ALA B 67 -2.03 -14.89 -2.73
N LYS B 68 -2.29 -13.73 -2.13
CA LYS B 68 -2.45 -13.64 -0.68
C LYS B 68 -3.68 -14.42 -0.23
N GLU B 69 -4.70 -14.44 -1.08
CA GLU B 69 -5.95 -15.14 -0.79
C GLU B 69 -5.69 -16.65 -0.68
N GLN B 70 -4.65 -17.12 -1.36
CA GLN B 70 -4.26 -18.54 -1.34
C GLN B 70 -3.15 -18.75 -0.32
N GLY B 71 -2.87 -17.72 0.46
CA GLY B 71 -1.84 -17.81 1.48
C GLY B 71 -0.42 -17.96 0.97
N LEU B 72 -0.15 -17.49 -0.26
CA LEU B 72 1.20 -17.58 -0.81
C LEU B 72 2.01 -16.33 -0.47
N SER B 73 3.33 -16.41 -0.64
CA SER B 73 4.22 -15.28 -0.35
C SER B 73 4.43 -14.43 -1.59
N VAL B 74 4.20 -13.12 -1.44
CA VAL B 74 4.32 -12.22 -2.57
C VAL B 74 5.42 -11.17 -2.49
N GLY B 75 5.97 -10.85 -3.66
CA GLY B 75 6.99 -9.84 -3.78
C GLY B 75 6.75 -9.11 -5.09
N PHE B 76 7.12 -7.84 -5.17
CA PHE B 76 6.93 -7.04 -6.40
C PHE B 76 8.26 -6.63 -7.04
N TYR B 77 8.22 -6.39 -8.35
CA TYR B 77 9.41 -5.95 -9.04
C TYR B 77 9.13 -4.79 -9.99
N HIS B 78 10.14 -3.95 -10.17
CA HIS B 78 10.09 -2.78 -11.03
C HIS B 78 11.12 -2.92 -12.13
N PHE B 79 10.69 -2.79 -13.40
CA PHE B 79 11.60 -2.88 -14.53
C PHE B 79 12.19 -1.48 -14.68
N PHE B 80 13.46 -1.34 -14.28
CA PHE B 80 14.15 -0.05 -14.31
C PHE B 80 14.48 0.48 -15.70
N ARG B 81 14.24 1.78 -15.91
CA ARG B 81 14.56 2.43 -17.18
C ARG B 81 15.52 3.57 -16.87
N ALA B 82 16.82 3.30 -17.09
CA ALA B 82 17.90 4.23 -16.81
C ALA B 82 17.75 5.62 -17.40
N ASN B 83 16.98 5.74 -18.47
CA ASN B 83 16.76 7.02 -19.13
C ASN B 83 15.76 7.87 -18.36
N LYS B 84 15.27 7.34 -17.24
CA LYS B 84 14.32 8.07 -16.41
C LYS B 84 14.90 8.18 -14.99
N GLY B 85 14.48 9.20 -14.25
CA GLY B 85 14.98 9.39 -12.89
C GLY B 85 15.00 8.15 -12.03
N ALA B 86 16.02 8.02 -11.19
CA ALA B 86 16.16 6.87 -10.29
C ALA B 86 15.19 6.97 -9.13
N LYS B 87 15.27 8.08 -8.40
CA LYS B 87 14.39 8.30 -7.27
C LYS B 87 12.98 8.50 -7.79
N ASP B 88 12.87 9.01 -9.02
CA ASP B 88 11.59 9.24 -9.65
C ASP B 88 10.84 7.92 -9.78
N GLN B 89 11.51 6.93 -10.35
CA GLN B 89 10.92 5.61 -10.54
C GLN B 89 10.68 4.90 -9.20
N ALA B 90 11.57 5.11 -8.24
CA ALA B 90 11.42 4.49 -6.93
C ALA B 90 10.07 4.90 -6.33
N ASN B 91 9.77 6.20 -6.42
CA ASN B 91 8.51 6.72 -5.90
C ASN B 91 7.31 6.24 -6.73
N PHE B 92 7.50 6.17 -8.05
CA PHE B 92 6.44 5.72 -8.97
C PHE B 92 6.05 4.29 -8.56
N PHE B 93 7.06 3.47 -8.39
CA PHE B 93 6.93 2.07 -7.99
C PHE B 93 6.20 1.94 -6.64
N ILE B 94 6.69 2.63 -5.63
CA ILE B 94 6.09 2.56 -4.30
C ILE B 94 4.71 3.20 -4.23
N ASP B 95 4.49 4.27 -4.99
CA ASP B 95 3.18 4.90 -4.97
C ASP B 95 2.14 3.97 -5.58
N TYR B 96 2.55 3.21 -6.60
CA TYR B 96 1.61 2.29 -7.24
C TYR B 96 1.20 1.15 -6.31
N LEU B 97 2.15 0.67 -5.50
CA LEU B 97 1.86 -0.41 -4.57
C LEU B 97 0.81 0.08 -3.58
N ASN B 98 1.06 1.25 -2.99
CA ASN B 98 0.11 1.81 -2.04
C ASN B 98 -1.20 2.07 -2.76
N GLU B 99 -1.10 2.60 -3.97
CA GLU B 99 -2.27 2.89 -4.80
C GLU B 99 -3.16 1.66 -4.89
N ILE B 100 -2.55 0.49 -5.11
CA ILE B 100 -3.33 -0.74 -5.22
C ILE B 100 -3.51 -1.45 -3.88
N GLY B 101 -3.04 -0.81 -2.81
CA GLY B 101 -3.18 -1.39 -1.48
C GLY B 101 -2.37 -2.64 -1.19
N ALA B 102 -1.29 -2.86 -1.95
CA ALA B 102 -0.44 -4.03 -1.74
C ALA B 102 0.63 -3.65 -0.73
N VAL B 103 0.26 -3.64 0.54
CA VAL B 103 1.19 -3.26 1.60
C VAL B 103 1.68 -4.43 2.44
N ASN B 104 1.22 -5.64 2.12
CA ASN B 104 1.64 -6.80 2.88
C ASN B 104 2.52 -7.79 2.14
N TYR B 105 3.33 -7.31 1.21
CA TYR B 105 4.21 -8.22 0.49
C TYR B 105 5.20 -8.81 1.50
N ASP B 106 5.49 -10.10 1.36
CA ASP B 106 6.38 -10.80 2.29
C ASP B 106 7.84 -10.76 1.85
N CYS B 107 8.05 -10.69 0.55
CA CYS B 107 9.39 -10.69 -0.01
C CYS B 107 9.93 -9.30 -0.30
N LYS B 108 11.24 -9.21 -0.46
CA LYS B 108 11.90 -7.94 -0.73
C LYS B 108 11.57 -7.33 -2.09
N LEU B 109 11.43 -6.02 -2.10
CA LEU B 109 11.13 -5.28 -3.32
C LEU B 109 12.31 -5.48 -4.28
N ALA B 110 12.02 -5.86 -5.52
CA ALA B 110 13.07 -6.13 -6.48
C ALA B 110 13.30 -5.11 -7.57
N LEU B 111 14.58 -4.80 -7.81
CA LEU B 111 15.00 -3.87 -8.84
C LEU B 111 15.36 -4.70 -10.07
N ASP B 112 14.54 -4.61 -11.11
CA ASP B 112 14.79 -5.35 -12.35
C ASP B 112 15.63 -4.49 -13.27
N ILE B 113 16.95 -4.71 -13.25
CA ILE B 113 17.87 -3.95 -14.09
C ILE B 113 18.52 -4.89 -15.08
N GLU B 114 18.04 -4.85 -16.32
CA GLU B 114 18.55 -5.72 -17.38
C GLU B 114 18.80 -4.99 -18.68
N THR B 115 18.72 -3.66 -18.65
CA THR B 115 18.96 -2.83 -19.83
C THR B 115 19.76 -1.61 -19.37
N THR B 116 20.64 -1.12 -20.24
CA THR B 116 21.47 0.04 -19.93
C THR B 116 20.87 1.36 -20.37
N GLU B 117 19.98 1.30 -21.36
CA GLU B 117 19.34 2.50 -21.88
C GLU B 117 20.41 3.49 -22.34
N GLY B 118 21.60 2.97 -22.62
CA GLY B 118 22.69 3.82 -23.08
C GLY B 118 23.53 4.45 -21.99
N VAL B 119 23.37 4.01 -20.74
CA VAL B 119 24.14 4.58 -19.64
C VAL B 119 25.39 3.78 -19.31
N GLY B 120 26.48 4.51 -19.04
CA GLY B 120 27.74 3.89 -18.70
C GLY B 120 27.65 3.05 -17.44
N VAL B 121 28.60 2.13 -17.28
CA VAL B 121 28.61 1.24 -16.13
C VAL B 121 28.67 1.97 -14.79
N ARG B 122 29.61 2.89 -14.63
CA ARG B 122 29.74 3.62 -13.37
C ARG B 122 28.44 4.31 -13.00
N ASP B 123 27.87 5.03 -13.96
CA ASP B 123 26.63 5.75 -13.74
C ASP B 123 25.42 4.84 -13.59
N LEU B 124 25.36 3.77 -14.38
CA LEU B 124 24.22 2.86 -14.30
C LEU B 124 24.15 2.26 -12.90
N THR B 125 25.29 1.87 -12.37
CA THR B 125 25.35 1.29 -11.05
C THR B 125 24.92 2.31 -10.00
N SER B 126 25.30 3.56 -10.19
CA SER B 126 24.95 4.61 -9.25
C SER B 126 23.46 4.87 -9.26
N MET B 127 22.85 4.82 -10.43
CA MET B 127 21.42 5.05 -10.54
C MET B 127 20.68 3.92 -9.83
N CYS B 128 21.20 2.69 -9.97
CA CYS B 128 20.58 1.56 -9.32
C CYS B 128 20.63 1.76 -7.81
N ILE B 129 21.77 2.24 -7.32
CA ILE B 129 21.98 2.48 -5.89
C ILE B 129 20.95 3.50 -5.41
N GLU B 130 20.81 4.58 -6.16
CA GLU B 130 19.87 5.65 -5.85
C GLU B 130 18.46 5.10 -5.73
N PHE B 131 18.08 4.31 -6.71
CA PHE B 131 16.76 3.69 -6.72
C PHE B 131 16.56 2.79 -5.50
N LEU B 132 17.53 1.90 -5.25
CA LEU B 132 17.44 0.98 -4.12
C LEU B 132 17.34 1.69 -2.78
N GLU B 133 18.21 2.66 -2.53
CA GLU B 133 18.17 3.37 -1.27
C GLU B 133 16.91 4.18 -1.12
N GLU B 134 16.40 4.73 -2.22
CA GLU B 134 15.19 5.51 -2.17
C GLU B 134 14.04 4.61 -1.79
N VAL B 135 14.03 3.39 -2.35
CA VAL B 135 12.98 2.44 -2.02
C VAL B 135 13.02 2.12 -0.53
N LYS B 136 14.21 1.84 -0.01
CA LYS B 136 14.40 1.53 1.41
C LYS B 136 13.95 2.69 2.29
N ARG B 137 14.36 3.90 1.92
CA ARG B 137 13.97 5.09 2.67
C ARG B 137 12.45 5.17 2.74
N LEU B 138 11.81 5.07 1.58
CA LEU B 138 10.35 5.15 1.48
C LEU B 138 9.56 4.08 2.24
N THR B 139 9.99 2.82 2.11
CA THR B 139 9.28 1.71 2.74
C THR B 139 9.81 1.24 4.08
N GLY B 140 11.09 1.47 4.34
CA GLY B 140 11.65 0.99 5.59
C GLY B 140 11.81 -0.52 5.48
N LYS B 141 11.68 -1.01 4.25
CA LYS B 141 11.81 -2.44 3.96
C LYS B 141 13.09 -2.75 3.20
N GLU B 142 13.36 -4.03 2.96
CA GLU B 142 14.57 -4.40 2.25
C GLU B 142 14.35 -4.75 0.78
N VAL B 143 15.41 -4.59 0.01
CA VAL B 143 15.37 -4.82 -1.43
C VAL B 143 16.26 -5.95 -1.90
N VAL B 144 16.08 -6.32 -3.16
CA VAL B 144 16.85 -7.36 -3.82
C VAL B 144 17.07 -6.90 -5.26
N VAL B 145 18.22 -7.23 -5.82
CA VAL B 145 18.52 -6.84 -7.18
C VAL B 145 18.37 -8.01 -8.13
N TYR B 146 17.74 -7.77 -9.27
CA TYR B 146 17.56 -8.82 -10.26
C TYR B 146 18.24 -8.38 -11.55
N THR B 147 19.05 -9.28 -12.09
CA THR B 147 19.75 -9.04 -13.35
C THR B 147 20.25 -10.40 -13.81
N TYR B 148 20.77 -10.48 -15.02
CA TYR B 148 21.27 -11.75 -15.52
C TYR B 148 22.79 -11.79 -15.50
N THR B 149 23.32 -12.98 -15.21
CA THR B 149 24.76 -13.23 -15.12
C THR B 149 25.63 -12.34 -16.02
N SER B 150 25.30 -12.29 -17.30
CA SER B 150 26.08 -11.49 -18.25
C SER B 150 26.01 -9.99 -18.03
N PHE B 151 24.83 -9.51 -17.62
CA PHE B 151 24.66 -8.07 -17.39
C PHE B 151 25.56 -7.64 -16.23
N ALA B 152 25.58 -8.45 -15.18
CA ALA B 152 26.38 -8.17 -14.00
C ALA B 152 27.86 -8.06 -14.34
N ASN B 153 28.35 -8.99 -15.15
CA ASN B 153 29.75 -9.01 -15.55
C ASN B 153 30.15 -7.98 -16.59
N ASN B 154 29.16 -7.37 -17.25
CA ASN B 154 29.50 -6.41 -18.29
C ASN B 154 28.90 -5.01 -18.18
N ASN B 155 27.95 -4.80 -17.29
CA ASN B 155 27.37 -3.47 -17.20
C ASN B 155 27.22 -2.86 -15.81
N LEU B 156 27.51 -3.64 -14.77
CA LEU B 156 27.39 -3.14 -13.41
C LEU B 156 28.67 -3.45 -12.62
N ASP B 157 29.10 -2.51 -11.79
CA ASP B 157 30.31 -2.72 -11.00
C ASP B 157 30.03 -3.30 -9.62
N SER B 158 31.12 -3.70 -8.95
CA SER B 158 31.09 -4.30 -7.63
C SER B 158 30.19 -3.65 -6.58
N ARG B 159 30.03 -2.33 -6.64
CA ARG B 159 29.21 -1.64 -5.65
C ARG B 159 27.84 -2.26 -5.34
N LEU B 160 27.23 -2.92 -6.33
CA LEU B 160 25.93 -3.53 -6.09
C LEU B 160 26.03 -4.84 -5.29
N GLY B 161 27.25 -5.25 -4.98
CA GLY B 161 27.46 -6.47 -4.22
C GLY B 161 26.94 -6.34 -2.81
N ASN B 162 26.67 -5.10 -2.40
CA ASN B 162 26.14 -4.83 -1.07
C ASN B 162 24.71 -5.31 -0.93
N TYR B 163 24.03 -5.56 -2.05
CA TYR B 163 22.64 -6.02 -2.00
C TYR B 163 22.47 -7.47 -2.41
N PRO B 164 21.49 -8.17 -1.82
CA PRO B 164 21.30 -9.57 -2.21
C PRO B 164 20.91 -9.60 -3.69
N VAL B 165 21.17 -10.71 -4.37
CA VAL B 165 20.85 -10.80 -5.78
C VAL B 165 19.95 -11.95 -6.17
N TRP B 166 19.13 -11.69 -7.19
CA TRP B 166 18.20 -12.66 -7.74
C TRP B 166 18.70 -12.75 -9.17
N ILE B 167 19.58 -13.72 -9.41
CA ILE B 167 20.19 -13.92 -10.72
C ILE B 167 19.35 -14.76 -11.67
N ALA B 168 19.31 -14.32 -12.92
CA ALA B 168 18.57 -15.01 -13.95
C ALA B 168 19.57 -15.64 -14.91
N HIS B 169 19.45 -16.95 -15.07
CA HIS B 169 20.33 -17.70 -15.95
C HIS B 169 19.61 -19.01 -16.31
N TYR B 170 19.28 -19.16 -17.59
CA TYR B 170 18.57 -20.36 -18.03
C TYR B 170 19.47 -21.40 -18.69
N GLY B 171 19.05 -22.66 -18.61
CA GLY B 171 19.83 -23.74 -19.21
C GLY B 171 21.02 -24.17 -18.38
N VAL B 172 20.96 -23.95 -17.07
CA VAL B 172 22.02 -24.33 -16.16
C VAL B 172 21.45 -24.63 -14.77
N ASN B 173 22.04 -25.61 -14.08
CA ASN B 173 21.60 -26.01 -12.75
C ASN B 173 22.26 -25.10 -11.71
N THR B 174 23.20 -24.30 -12.19
CA THR B 174 23.92 -23.39 -11.33
C THR B 174 24.30 -22.13 -12.10
N PRO B 175 23.82 -20.97 -11.65
CA PRO B 175 24.14 -19.71 -12.33
C PRO B 175 25.64 -19.50 -12.42
N GLY B 176 26.09 -18.99 -13.54
CA GLY B 176 27.51 -18.75 -13.72
C GLY B 176 28.00 -17.76 -12.68
N ALA B 177 29.31 -17.69 -12.52
CA ALA B 177 29.92 -16.78 -11.56
C ALA B 177 30.05 -15.40 -12.20
N ASN B 178 29.78 -14.35 -11.44
CA ASN B 178 29.92 -12.99 -11.95
C ASN B 178 30.78 -12.14 -11.02
N ASN B 179 31.36 -11.07 -11.57
CA ASN B 179 32.24 -10.20 -10.80
C ASN B 179 31.51 -9.22 -9.88
N ILE B 180 30.52 -9.71 -9.16
CA ILE B 180 29.76 -8.85 -8.25
C ILE B 180 29.20 -9.62 -7.05
N TRP B 181 28.50 -10.72 -7.30
CA TRP B 181 27.89 -11.50 -6.23
C TRP B 181 28.50 -12.88 -6.07
N SER B 182 28.68 -13.29 -4.81
CA SER B 182 29.25 -14.60 -4.50
C SER B 182 28.18 -15.64 -4.23
N SER B 183 26.96 -15.19 -3.95
CA SER B 183 25.85 -16.09 -3.69
C SER B 183 24.55 -15.46 -4.16
N TRP B 184 23.44 -16.16 -4.02
CA TRP B 184 22.15 -15.62 -4.43
C TRP B 184 21.00 -15.98 -3.51
N VAL B 185 20.04 -15.06 -3.41
CA VAL B 185 18.87 -15.27 -2.59
C VAL B 185 17.77 -15.79 -3.51
N GLY B 186 17.96 -15.57 -4.81
CA GLY B 186 17.00 -16.02 -5.79
C GLY B 186 17.66 -16.43 -7.08
N PHE B 187 17.15 -17.50 -7.70
CA PHE B 187 17.71 -18.01 -8.94
C PHE B 187 16.61 -18.29 -9.98
N GLN B 188 16.53 -17.46 -11.00
CA GLN B 188 15.55 -17.65 -12.06
C GLN B 188 16.22 -18.59 -13.05
N TYR B 189 15.86 -19.87 -12.98
CA TYR B 189 16.46 -20.89 -13.83
C TYR B 189 15.74 -21.22 -15.14
N SER B 190 14.55 -20.65 -15.34
CA SER B 190 13.81 -20.91 -16.58
C SER B 190 12.58 -20.04 -16.78
N GLU B 191 12.23 -19.85 -18.05
CA GLU B 191 11.07 -19.04 -18.43
C GLU B 191 10.06 -19.85 -19.23
N ASN B 192 10.02 -21.16 -19.01
CA ASN B 192 9.10 -22.04 -19.72
C ASN B 192 8.39 -23.02 -18.79
N GLY B 193 8.49 -22.77 -17.49
CA GLY B 193 7.85 -23.65 -16.54
C GLY B 193 6.37 -23.89 -16.82
N SER B 194 5.89 -25.07 -16.45
CA SER B 194 4.50 -25.39 -16.65
C SER B 194 3.84 -25.33 -15.29
N VAL B 195 3.09 -24.26 -15.04
CA VAL B 195 2.44 -24.08 -13.76
C VAL B 195 0.92 -24.03 -13.89
N ALA B 196 0.25 -24.84 -13.08
CA ALA B 196 -1.20 -24.89 -13.10
C ALA B 196 -1.78 -23.52 -12.72
N GLY B 197 -2.54 -22.92 -13.64
CA GLY B 197 -3.13 -21.63 -13.38
C GLY B 197 -2.41 -20.50 -14.10
N VAL B 198 -1.32 -20.83 -14.78
CA VAL B 198 -0.53 -19.85 -15.53
C VAL B 198 -0.40 -20.25 -16.99
N ASN B 199 -1.00 -19.47 -17.89
CA ASN B 199 -0.93 -19.76 -19.31
C ASN B 199 0.49 -19.56 -19.87
N GLY B 200 0.79 -20.24 -20.96
CA GLY B 200 2.09 -20.11 -21.59
C GLY B 200 3.25 -20.43 -20.65
N GLY B 201 4.47 -20.24 -21.15
CA GLY B 201 5.65 -20.50 -20.34
C GLY B 201 5.71 -19.61 -19.10
N CYS B 202 6.01 -20.22 -17.96
CA CYS B 202 6.08 -19.48 -16.70
C CYS B 202 7.52 -19.28 -16.21
N ASP B 203 7.81 -18.08 -15.71
CA ASP B 203 9.14 -17.80 -15.18
C ASP B 203 9.28 -18.60 -13.89
N MET B 204 10.35 -19.39 -13.81
CA MET B 204 10.58 -20.24 -12.65
C MET B 204 11.69 -19.74 -11.72
N ASN B 205 11.45 -19.84 -10.42
CA ASN B 205 12.43 -19.41 -9.43
C ASN B 205 12.50 -20.28 -8.20
N GLU B 206 13.69 -20.30 -7.60
CA GLU B 206 13.95 -21.02 -6.36
C GLU B 206 14.47 -19.90 -5.46
N PHE B 207 13.89 -19.74 -4.28
CA PHE B 207 14.33 -18.69 -3.36
C PHE B 207 14.76 -19.21 -2.00
N THR B 208 15.76 -18.56 -1.40
CA THR B 208 16.24 -18.96 -0.10
C THR B 208 15.37 -18.22 0.88
N GLU B 209 15.50 -18.53 2.16
CA GLU B 209 14.69 -17.86 3.16
C GLU B 209 15.12 -16.39 3.21
N GLU B 210 16.25 -16.09 2.57
CA GLU B 210 16.78 -14.73 2.55
C GLU B 210 16.04 -13.82 1.57
N ILE B 211 15.00 -14.36 0.91
CA ILE B 211 14.22 -13.58 -0.04
C ILE B 211 13.19 -12.80 0.75
N PHE B 212 12.82 -13.35 1.91
CA PHE B 212 11.82 -12.68 2.74
C PHE B 212 12.39 -11.41 3.31
N ILE B 213 11.50 -10.50 3.69
CA ILE B 213 11.86 -9.19 4.22
C ILE B 213 12.60 -9.14 5.56
N ASP B 214 12.04 -9.75 6.60
CA ASP B 214 12.71 -9.71 7.89
C ASP B 214 13.58 -10.92 8.18
N SER B 215 14.20 -11.45 7.13
CA SER B 215 15.08 -12.60 7.26
C SER B 215 16.51 -12.19 7.63
N SER B 216 17.32 -13.15 8.05
CA SER B 216 18.70 -12.90 8.43
C SER B 216 19.62 -12.92 7.21
N ASN B 217 20.60 -12.01 7.19
CA ASN B 217 21.54 -11.98 6.09
C ASN B 217 22.84 -12.69 6.45
N PHE B 218 22.82 -13.42 7.56
CA PHE B 218 23.99 -14.18 8.01
C PHE B 218 23.76 -15.63 7.56
N ASN B 219 24.56 -16.11 6.62
CA ASN B 219 24.38 -17.47 6.11
C ASN B 219 25.44 -18.47 6.54
N LEU B 220 26.20 -18.17 7.59
CA LEU B 220 27.21 -19.11 8.04
C LEU B 220 26.65 -19.96 9.17
N ASP B 221 27.48 -20.80 9.78
CA ASP B 221 27.03 -21.68 10.85
C ASP B 221 26.47 -21.00 12.09
N ASN B 222 25.43 -21.57 12.65
CA ASN B 222 24.79 -21.00 13.82
C ASN B 222 24.69 -22.00 14.97
N ALA B 223 25.44 -23.09 14.87
CA ALA B 223 25.39 -24.10 15.91
C ALA B 223 26.67 -24.93 16.00
N THR B 224 26.81 -25.63 17.12
CA THR B 224 27.95 -26.51 17.33
C THR B 224 27.41 -27.65 18.17
N THR B 225 28.24 -28.64 18.47
CA THR B 225 27.79 -29.76 19.27
C THR B 225 28.05 -29.54 20.75
N LYS B 226 27.35 -30.27 21.60
CA LYS B 226 27.53 -30.20 23.04
C LYS B 226 27.30 -31.60 23.58
N ASN B 227 28.06 -31.96 24.61
CA ASN B 227 27.91 -33.29 25.18
C ASN B 227 28.24 -34.37 24.15
N VAL B 228 29.02 -34.00 23.14
CA VAL B 228 29.43 -34.94 22.10
C VAL B 228 30.94 -35.11 22.19
N SER B 229 31.37 -36.35 22.44
CA SER B 229 32.79 -36.64 22.55
C SER B 229 33.37 -37.08 21.19
N THR B 230 32.60 -37.87 20.45
CA THR B 230 33.04 -38.36 19.16
C THR B 230 32.37 -37.63 18.00
N LYS B 231 31.16 -38.05 17.66
CA LYS B 231 30.42 -37.42 16.57
C LYS B 231 28.92 -37.48 16.82
N LEU B 232 28.19 -36.64 16.09
CA LEU B 232 26.73 -36.58 16.21
C LEU B 232 26.17 -37.05 14.88
N ASN B 233 25.26 -38.03 14.92
CA ASN B 233 24.65 -38.55 13.69
C ASN B 233 23.52 -37.69 13.14
N ILE B 234 23.45 -37.62 11.82
CA ILE B 234 22.40 -36.90 11.12
C ILE B 234 21.45 -37.98 10.59
N ARG B 235 20.16 -37.83 10.87
CA ARG B 235 19.16 -38.82 10.44
C ARG B 235 18.20 -38.34 9.38
N ALA B 236 17.64 -39.28 8.63
CA ALA B 236 16.67 -38.94 7.60
C ALA B 236 15.42 -38.35 8.26
N LYS B 237 15.13 -38.81 9.48
CA LYS B 237 13.98 -38.33 10.23
C LYS B 237 14.37 -38.10 11.69
N GLY B 238 13.48 -37.46 12.45
CA GLY B 238 13.77 -37.19 13.85
C GLY B 238 13.57 -38.40 14.72
N THR B 239 14.36 -39.44 14.46
CA THR B 239 14.29 -40.69 15.21
C THR B 239 15.53 -41.48 14.87
N THR B 240 15.98 -42.32 15.79
CA THR B 240 17.16 -43.14 15.53
C THR B 240 16.72 -44.40 14.81
N ASN B 241 15.43 -44.50 14.54
CA ASN B 241 14.91 -45.66 13.82
C ASN B 241 15.03 -45.39 12.34
N SER B 242 15.45 -44.16 12.00
CA SER B 242 15.65 -43.77 10.60
C SER B 242 17.13 -43.96 10.29
N LYS B 243 17.46 -43.94 9.01
CA LYS B 243 18.83 -44.12 8.53
C LYS B 243 19.79 -43.00 8.89
N ILE B 244 21.05 -43.38 9.12
CA ILE B 244 22.12 -42.43 9.42
C ILE B 244 22.66 -41.95 8.08
N ILE B 245 22.33 -40.71 7.71
CA ILE B 245 22.78 -40.15 6.44
C ILE B 245 24.02 -39.26 6.52
N GLY B 246 24.66 -39.24 7.68
CA GLY B 246 25.85 -38.43 7.85
C GLY B 246 26.17 -38.21 9.32
N SER B 247 27.29 -37.57 9.61
CA SER B 247 27.68 -37.30 11.00
C SER B 247 28.48 -36.02 11.13
N ILE B 248 28.43 -35.42 12.31
CA ILE B 248 29.14 -34.18 12.59
C ILE B 248 30.17 -34.41 13.69
N PRO B 249 31.46 -34.22 13.37
CA PRO B 249 32.49 -34.44 14.41
C PRO B 249 32.41 -33.46 15.57
N ALA B 250 32.73 -33.94 16.77
CA ALA B 250 32.70 -33.15 17.98
C ALA B 250 33.43 -31.83 17.80
N GLY B 251 32.85 -30.76 18.34
CA GLY B 251 33.47 -29.45 18.25
C GLY B 251 33.19 -28.66 16.97
N GLU B 252 32.79 -29.35 15.91
CA GLU B 252 32.51 -28.67 14.64
C GLU B 252 31.27 -27.81 14.69
N THR B 253 31.14 -26.93 13.70
CA THR B 253 29.98 -26.05 13.62
C THR B 253 29.14 -26.45 12.42
N PHE B 254 27.86 -26.13 12.49
CA PHE B 254 26.95 -26.43 11.40
C PHE B 254 25.81 -25.45 11.39
N LYS B 255 24.81 -25.69 10.56
CA LYS B 255 23.69 -24.77 10.47
C LYS B 255 22.32 -25.38 10.72
N ILE B 256 21.60 -24.77 11.67
CA ILE B 256 20.25 -25.21 11.99
C ILE B 256 19.32 -24.49 11.02
N LYS B 257 18.45 -25.24 10.35
CA LYS B 257 17.51 -24.65 9.41
C LYS B 257 16.20 -24.33 10.12
N TRP B 258 15.67 -25.30 10.85
CA TRP B 258 14.41 -25.11 11.58
C TRP B 258 14.03 -26.34 12.38
N VAL B 259 12.93 -26.21 13.12
CA VAL B 259 12.39 -27.30 13.91
C VAL B 259 11.10 -27.75 13.25
N ASP B 260 10.98 -29.05 13.00
CA ASP B 260 9.77 -29.58 12.39
C ASP B 260 8.85 -30.05 13.49
N GLU B 261 7.62 -29.54 13.52
CA GLU B 261 6.67 -29.90 14.56
C GLU B 261 6.36 -31.40 14.61
N ASP B 262 6.63 -32.11 13.52
CA ASP B 262 6.38 -33.54 13.51
C ASP B 262 7.50 -34.27 14.24
N TYR B 263 8.59 -33.56 14.51
CA TYR B 263 9.72 -34.15 15.22
C TYR B 263 10.26 -33.23 16.29
N LEU B 264 9.52 -33.12 17.39
CA LEU B 264 9.91 -32.28 18.51
C LEU B 264 11.16 -32.85 19.16
N GLY B 265 12.02 -31.98 19.67
CA GLY B 265 13.25 -32.43 20.31
C GLY B 265 14.40 -32.66 19.34
N TRP B 266 14.17 -32.40 18.05
CA TRP B 266 15.21 -32.57 17.04
C TRP B 266 15.36 -31.29 16.21
N TYR B 267 16.53 -31.13 15.59
CA TYR B 267 16.79 -29.97 14.74
C TYR B 267 17.04 -30.45 13.32
N TYR B 268 16.47 -29.73 12.36
CA TYR B 268 16.68 -30.04 10.95
C TYR B 268 17.91 -29.19 10.65
N VAL B 269 19.01 -29.83 10.28
CA VAL B 269 20.25 -29.10 10.04
C VAL B 269 20.94 -29.39 8.72
N GLU B 270 21.96 -28.60 8.44
CA GLU B 270 22.76 -28.74 7.23
C GLU B 270 24.23 -28.72 7.61
N TYR B 271 24.97 -29.72 7.16
CA TYR B 271 26.39 -29.81 7.44
C TYR B 271 27.13 -30.40 6.25
N ASN B 272 27.98 -29.59 5.62
CA ASN B 272 28.74 -30.04 4.48
C ASN B 272 27.92 -30.84 3.47
N GLY B 273 26.93 -30.18 2.86
CA GLY B 273 26.10 -30.83 1.87
C GLY B 273 25.00 -31.76 2.37
N VAL B 274 25.16 -32.30 3.58
CA VAL B 274 24.18 -33.22 4.16
C VAL B 274 23.13 -32.49 4.99
N VAL B 275 21.87 -32.70 4.63
CA VAL B 275 20.75 -32.07 5.35
C VAL B 275 19.95 -33.16 6.04
N GLY B 276 19.70 -32.98 7.34
CA GLY B 276 18.94 -33.97 8.08
C GLY B 276 18.62 -33.55 9.50
N TYR B 277 18.28 -34.53 10.35
CA TYR B 277 17.91 -34.28 11.73
C TYR B 277 18.93 -34.76 12.78
N VAL B 278 19.10 -33.97 13.84
CA VAL B 278 19.98 -34.31 14.95
C VAL B 278 19.25 -34.07 16.26
N ASN B 279 19.59 -34.87 17.27
CA ASN B 279 18.99 -34.77 18.60
C ASN B 279 19.38 -33.43 19.25
N ALA B 280 18.38 -32.63 19.60
CA ALA B 280 18.65 -31.32 20.21
C ALA B 280 19.53 -31.34 21.47
N ASP B 281 19.52 -32.44 22.20
CA ASP B 281 20.33 -32.55 23.42
C ASP B 281 21.83 -32.43 23.13
N TYR B 282 22.21 -32.60 21.87
CA TYR B 282 23.62 -32.53 21.52
C TYR B 282 23.96 -31.30 20.72
N VAL B 283 23.06 -30.32 20.73
CA VAL B 283 23.26 -29.10 19.96
C VAL B 283 23.25 -27.85 20.82
N GLU B 284 24.22 -26.96 20.57
CA GLU B 284 24.31 -25.71 21.30
C GLU B 284 24.27 -24.61 20.26
N LYS B 285 23.27 -23.74 20.36
CA LYS B 285 23.16 -22.66 19.40
C LYS B 285 24.20 -21.59 19.66
N LEU B 286 24.82 -21.10 18.60
CA LEU B 286 25.82 -20.06 18.71
C LEU B 286 25.06 -18.75 18.87
N GLN B 287 25.70 -17.76 19.48
CA GLN B 287 25.07 -16.47 19.74
C GLN B 287 25.01 -15.56 18.51
N MET B 288 23.80 -15.34 18.01
CA MET B 288 23.61 -14.46 16.87
C MET B 288 23.34 -13.06 17.40
N ALA B 289 23.60 -12.05 16.58
CA ALA B 289 23.41 -10.68 17.01
C ALA B 289 23.28 -9.72 15.82
N THR B 290 22.87 -8.51 16.14
CA THR B 290 22.70 -7.46 15.15
C THR B 290 23.17 -6.15 15.78
N THR B 291 23.14 -5.07 15.00
CA THR B 291 23.59 -3.79 15.51
C THR B 291 22.54 -3.16 16.40
N TYR B 292 22.99 -2.25 17.24
CA TYR B 292 22.13 -1.54 18.14
C TYR B 292 22.64 -0.11 18.16
N ASN B 293 21.74 0.85 17.95
CA ASN B 293 22.13 2.25 17.96
C ASN B 293 23.22 2.54 16.93
N VAL B 294 23.10 1.95 15.76
CA VAL B 294 24.07 2.20 14.71
C VAL B 294 23.29 2.79 13.54
N SER B 295 23.52 4.06 13.25
CA SER B 295 22.80 4.70 12.15
C SER B 295 23.31 4.31 10.77
N THR B 296 24.60 4.04 10.64
CA THR B 296 25.16 3.67 9.34
C THR B 296 25.97 2.36 9.34
N PHE B 297 27.12 2.35 9.99
CA PHE B 297 27.93 1.13 10.06
C PHE B 297 28.70 1.04 11.34
N LEU B 298 29.07 -0.18 11.71
CA LEU B 298 29.82 -0.46 12.94
C LEU B 298 31.20 -0.95 12.55
N ASN B 299 32.23 -0.38 13.17
CA ASN B 299 33.60 -0.79 12.87
C ASN B 299 33.94 -2.12 13.53
N VAL B 300 34.69 -2.93 12.79
CA VAL B 300 35.18 -4.22 13.27
C VAL B 300 36.69 -4.03 13.42
N ARG B 301 37.22 -4.31 14.61
CA ARG B 301 38.64 -4.11 14.89
C ARG B 301 39.44 -5.38 15.15
N GLU B 302 40.76 -5.27 15.00
CA GLU B 302 41.64 -6.42 15.19
C GLU B 302 41.64 -6.88 16.64
N GLU B 303 41.61 -5.92 17.56
CA GLU B 303 41.58 -6.21 18.99
C GLU B 303 40.47 -5.36 19.59
N GLY B 304 40.00 -5.74 20.78
CA GLY B 304 38.92 -5.01 21.42
C GLY B 304 39.38 -3.75 22.11
N SER B 305 39.70 -2.73 21.31
CA SER B 305 40.16 -1.43 21.82
C SER B 305 39.79 -0.33 20.84
N LEU B 306 39.57 0.86 21.37
CA LEU B 306 39.17 1.99 20.55
C LEU B 306 40.17 2.47 19.51
N ASN B 307 41.43 2.13 19.67
CA ASN B 307 42.43 2.58 18.70
C ASN B 307 43.10 1.42 18.01
N SER B 308 42.42 0.28 17.99
CA SER B 308 42.92 -0.91 17.33
C SER B 308 42.50 -0.86 15.86
N ARG B 309 43.42 -1.28 14.99
CA ARG B 309 43.19 -1.31 13.54
C ARG B 309 41.79 -1.73 13.11
N ILE B 310 41.17 -0.97 12.22
CA ILE B 310 39.84 -1.33 11.75
C ILE B 310 40.03 -2.30 10.59
N VAL B 311 39.38 -3.45 10.65
CA VAL B 311 39.52 -4.47 9.62
C VAL B 311 38.28 -4.69 8.77
N ASP B 312 37.11 -4.36 9.28
CA ASP B 312 35.90 -4.53 8.48
C ASP B 312 34.80 -3.64 9.00
N LYS B 313 33.59 -3.87 8.52
CA LYS B 313 32.46 -3.07 8.96
C LYS B 313 31.18 -3.88 8.91
N ILE B 314 30.26 -3.55 9.80
CA ILE B 314 28.98 -4.20 9.88
C ILE B 314 27.95 -3.11 9.63
N ASN B 315 27.16 -3.27 8.57
CA ASN B 315 26.13 -2.29 8.24
C ASN B 315 24.95 -2.38 9.21
N SER B 316 24.35 -1.24 9.52
CA SER B 316 23.22 -1.20 10.42
C SER B 316 22.20 -2.24 10.00
N GLY B 317 21.75 -3.07 10.95
CA GLY B 317 20.77 -4.09 10.61
C GLY B 317 21.34 -5.42 10.17
N ASP B 318 22.63 -5.46 9.89
CA ASP B 318 23.25 -6.73 9.49
C ASP B 318 23.27 -7.71 10.65
N ILE B 319 23.28 -9.01 10.32
CA ILE B 319 23.33 -10.05 11.33
C ILE B 319 24.76 -10.58 11.37
N PHE B 320 25.27 -10.81 12.58
CA PHE B 320 26.62 -11.33 12.75
C PHE B 320 26.66 -12.27 13.94
N ARG B 321 27.77 -12.97 14.12
CA ARG B 321 27.88 -13.93 15.22
C ARG B 321 28.88 -13.53 16.29
N ILE B 322 28.49 -13.70 17.55
CA ILE B 322 29.35 -13.40 18.69
C ILE B 322 29.97 -14.73 19.09
N ASP B 323 31.27 -14.87 18.86
CA ASP B 323 31.99 -16.10 19.16
C ASP B 323 32.39 -16.22 20.62
N TRP B 324 32.95 -15.16 21.19
CA TRP B 324 33.34 -15.21 22.60
C TRP B 324 33.70 -13.83 23.10
N VAL B 325 33.93 -13.75 24.41
CA VAL B 325 34.32 -12.50 25.06
C VAL B 325 35.76 -12.71 25.49
N ASP B 326 36.65 -11.87 25.00
CA ASP B 326 38.06 -11.97 25.35
C ASP B 326 38.28 -11.21 26.66
N SER B 327 38.92 -11.90 27.61
CA SER B 327 39.21 -11.35 28.93
C SER B 327 40.01 -10.06 28.89
N ASP B 328 40.88 -9.92 27.90
CA ASP B 328 41.71 -8.73 27.79
C ASP B 328 40.95 -7.52 27.29
N PHE B 329 39.80 -7.74 26.67
CA PHE B 329 39.00 -6.64 26.14
C PHE B 329 37.58 -6.61 26.69
N ILE B 330 37.41 -6.05 27.89
CA ILE B 330 36.11 -5.94 28.53
C ILE B 330 35.29 -4.88 27.81
N GLY B 331 34.02 -5.16 27.58
CA GLY B 331 33.17 -4.22 26.88
C GLY B 331 33.21 -4.43 25.37
N TRP B 332 33.86 -5.52 24.93
CA TRP B 332 33.98 -5.85 23.51
C TRP B 332 33.59 -7.29 23.22
N TYR B 333 33.13 -7.56 21.99
CA TYR B 333 32.76 -8.92 21.60
C TYR B 333 33.63 -9.35 20.44
N ARG B 334 34.07 -10.60 20.46
CA ARG B 334 34.86 -11.13 19.36
C ARG B 334 33.76 -11.69 18.47
N ILE B 335 33.76 -11.33 17.20
CA ILE B 335 32.70 -11.77 16.30
C ILE B 335 33.15 -12.28 14.94
N THR B 336 32.18 -12.80 14.20
CA THR B 336 32.38 -13.29 12.83
C THR B 336 31.26 -12.63 12.03
N THR B 337 31.62 -11.94 10.94
CA THR B 337 30.63 -11.26 10.10
C THR B 337 30.07 -12.24 9.07
N LYS B 338 29.00 -11.82 8.39
CA LYS B 338 28.35 -12.65 7.38
C LYS B 338 29.27 -13.05 6.22
N ASN B 339 30.39 -12.36 6.06
CA ASN B 339 31.33 -12.69 5.00
C ASN B 339 32.50 -13.52 5.49
N GLY B 340 32.41 -14.03 6.71
CA GLY B 340 33.50 -14.84 7.24
C GLY B 340 34.65 -14.07 7.86
N LYS B 341 34.47 -12.77 8.09
CA LYS B 341 35.55 -11.99 8.69
C LYS B 341 35.44 -11.93 10.20
N VAL B 342 36.58 -11.97 10.88
CA VAL B 342 36.58 -11.94 12.34
C VAL B 342 37.23 -10.69 12.90
N GLY B 343 36.87 -10.38 14.14
CA GLY B 343 37.42 -9.22 14.80
C GLY B 343 36.59 -8.88 16.02
N PHE B 344 36.74 -7.66 16.50
CA PHE B 344 35.99 -7.24 17.68
C PHE B 344 35.12 -6.03 17.43
N VAL B 345 34.02 -5.93 18.17
CA VAL B 345 33.12 -4.79 18.05
C VAL B 345 32.78 -4.34 19.47
N ASN B 346 32.47 -3.05 19.61
CA ASN B 346 32.12 -2.44 20.88
C ASN B 346 30.74 -2.90 21.36
N ALA B 347 30.69 -3.48 22.55
CA ALA B 347 29.44 -4.01 23.11
C ALA B 347 28.30 -2.98 23.22
N GLU B 348 28.65 -1.70 23.16
CA GLU B 348 27.66 -0.65 23.25
C GLU B 348 26.78 -0.57 22.01
N PHE B 349 27.19 -1.25 20.95
CA PHE B 349 26.45 -1.19 19.71
C PHE B 349 25.97 -2.53 19.18
N VAL B 350 25.79 -3.47 20.08
CA VAL B 350 25.31 -4.78 19.67
C VAL B 350 24.07 -5.17 20.44
N LYS B 351 23.19 -5.91 19.78
CA LYS B 351 21.99 -6.42 20.38
C LYS B 351 21.98 -7.91 20.09
N LYS B 352 21.99 -8.72 21.13
CA LYS B 352 21.98 -10.17 20.94
C LYS B 352 20.58 -10.60 20.52
N LEU B 353 20.50 -11.62 19.69
CA LEU B 353 19.21 -12.11 19.25
C LEU B 353 18.93 -13.47 19.88
#